data_3SPA
#
_entry.id   3SPA
#
_cell.length_a   211.258
_cell.length_b   211.258
_cell.length_c   60.461
_cell.angle_alpha   90.00
_cell.angle_beta   90.00
_cell.angle_gamma   90.00
#
_symmetry.space_group_name_H-M   'I 41'
#
loop_
_entity.id
_entity.type
_entity.pdbx_description
1 polymer 'DNA-directed RNA polymerase, mitochondrial'
2 polymer 'Nonamer peptide'
3 non-polymer GLYCEROL
4 non-polymer 'CHLORIDE ION'
5 non-polymer 'SULFATE ION'
6 water water
#
loop_
_entity_poly.entity_id
_entity_poly.type
_entity_poly.pdbx_seq_one_letter_code
_entity_poly.pdbx_strand_id
1 'polypeptide(L)'
;MGHHHHHHRKVQMGAKDATPVPCGRWAKILEKDKRTQQMRMQRLKAKLQMPFQSGEFKALTRRLQVEPRLLSKQMAGCLE
DCTRQAPESPWEEQLARLLQEAPGKLSLDVEQAPSGQHSQAQLSGQQQRLLAFFKCCLLTDQLPLAHHLLVVHHGQRQKR
KLLTLDMYNAVMLGWARQGAFKELVYVLFMVKDAGLTPDLLSYAAALQCMGRQDQDAGTIERCLEQMSQEGLKLQALFTA
VLLSEEDRATVLKAVHKVKPTFSLPPQLPPPVNTSKLLRDVYAKDGRVSYPKLHLPLKTLQCLFEKQLHMELASRVCVVS
VEKPTLPSKEVKHARKTLKTLRDQWEKALCRALRETKNRLEREVYEGRFSLYPFLCLLDEREVVRMLLQVLQALPAQGES
FTTLARELSARTFSRHVVQRQRVSGQVQALQNHYRKYLCLLASDAEVPEPCLPRQYWEALGAPEALREQPWPLPVQMELG
KLLAEMLVQATQMPCSLDKPHRSSRLVPVLYHVYSFRNVQQIGILKPHPAYVQLLEKAAEPTLTFEAVDVPMLCPPLPWT
SPHSGAFLLSPTKLMRTVEGATQHQELLETCPPTALHGALDALTQLGNCAWRVNGRVLDLVLQLFQAKGCPQLGVPAPPS
EAPQPPEAHLPHSAAPARKAELRRELAHCQKVAREMHSLRAEALYRLSLAQHLRDRVFWLPHNMDFRGRTYPCPPHFNHL
GSDVARALLEFAQGRPLGPHGLDWLKIHLVNLTGLKKREPLRKRLAFAEEVMDDILDSADQPLTGRKWWMGAEEPWQTLA
CCMEVANAVRASDPAAYVSHLPVHQDGSCNGLQHYAALGRDSVGAASVNLEPSDVPQDVYSGVAAQVEVFRRQDAQRGMR
VAQVLEGFITRKVVKQTVMTVVYGVTRYGGRLQIEKRLRELSDFPQEFVWEASHYLVRQVFKSLQEMFSGTRAIQHWLTE
SARLISHMGSVVEWVTPLGVPVIQPYRLDSKVKQIGGGIQSITYTHNGDISRKPNTRKQKNGFPPNFIHSLDSSHMMLTA
LHCYRKGLTFVSVHDCYWTHAADVSVMNQVCREQFVRLHSEPILQDLSRFLVKRFCSEPQKILEASQLKETLQAVPKPGA
FDLEQVKRSTYFFS
;
A
2 'polypeptide(L)' (UNK)(UNK)(UNK)(UNK)(UNK)(UNK)(UNK)(UNK)(UNK) B
#
loop_
_chem_comp.id
_chem_comp.type
_chem_comp.name
_chem_comp.formula
CL non-polymer 'CHLORIDE ION' 'Cl -1'
GOL non-polymer GLYCEROL 'C3 H8 O3'
SO4 non-polymer 'SULFATE ION' 'O4 S -2'
#
# COMPACT_ATOMS: atom_id res chain seq x y z
N GLN A 122 2.70 7.15 -25.19
CA GLN A 122 2.19 5.83 -25.45
C GLN A 122 3.21 5.06 -26.27
N LEU A 123 3.83 4.07 -25.65
CA LEU A 123 4.88 3.35 -26.32
C LEU A 123 4.59 1.87 -26.43
N SER A 124 4.82 1.31 -27.59
CA SER A 124 4.59 -0.12 -27.81
CA SER A 124 4.59 -0.12 -27.81
C SER A 124 5.29 -0.96 -26.74
N GLY A 125 4.91 -2.23 -26.64
CA GLY A 125 5.51 -3.17 -25.70
C GLY A 125 6.95 -3.46 -26.11
N GLN A 126 7.17 -3.65 -27.43
CA GLN A 126 8.46 -3.90 -28.09
C GLN A 126 9.38 -2.68 -27.99
N GLN A 127 8.79 -1.47 -28.09
CA GLN A 127 9.48 -0.18 -27.98
C GLN A 127 9.87 0.08 -26.53
N GLN A 128 8.97 -0.27 -25.57
CA GLN A 128 9.18 -0.09 -24.13
C GLN A 128 10.39 -0.88 -23.66
N ARG A 129 10.50 -2.14 -24.14
CA ARG A 129 11.60 -3.04 -23.82
C ARG A 129 12.92 -2.62 -24.48
N LEU A 130 12.88 -2.11 -25.72
CA LEU A 130 14.07 -1.62 -26.43
C LEU A 130 14.71 -0.46 -25.67
N LEU A 131 13.90 0.49 -25.17
CA LEU A 131 14.38 1.64 -24.39
C LEU A 131 14.92 1.20 -23.04
N ALA A 132 14.26 0.22 -22.40
CA ALA A 132 14.65 -0.34 -21.11
C ALA A 132 16.01 -1.07 -21.23
N PHE A 133 16.24 -1.71 -22.41
CA PHE A 133 17.46 -2.44 -22.77
C PHE A 133 18.61 -1.43 -22.79
N PHE A 134 18.44 -0.31 -23.53
CA PHE A 134 19.42 0.77 -23.63
C PHE A 134 19.64 1.41 -22.27
N LYS A 135 18.54 1.69 -21.52
CA LYS A 135 18.61 2.28 -20.18
C LYS A 135 19.40 1.40 -19.22
N CYS A 136 19.17 0.07 -19.27
CA CYS A 136 19.87 -0.93 -18.46
C CYS A 136 21.37 -0.99 -18.76
N CYS A 137 21.76 -0.86 -20.04
CA CYS A 137 23.16 -0.91 -20.45
C CYS A 137 24.03 0.20 -19.84
N LEU A 138 23.40 1.34 -19.50
CA LEU A 138 24.08 2.50 -18.87
C LEU A 138 24.50 2.18 -17.43
N LEU A 139 23.79 1.22 -16.79
CA LEU A 139 24.03 0.74 -15.43
C LEU A 139 25.05 -0.39 -15.39
N THR A 140 24.95 -1.35 -16.35
CA THR A 140 25.79 -2.56 -16.48
C THR A 140 27.11 -2.34 -17.24
N ASP A 141 27.36 -1.12 -17.77
CA ASP A 141 28.53 -0.79 -18.61
C ASP A 141 28.57 -1.75 -19.82
N GLN A 142 27.45 -1.82 -20.56
CA GLN A 142 27.30 -2.66 -21.74
C GLN A 142 26.88 -1.80 -22.92
N LEU A 143 27.48 -0.62 -23.00
CA LEU A 143 27.22 0.37 -24.04
C LEU A 143 27.46 -0.14 -25.45
N PRO A 144 28.52 -0.94 -25.78
CA PRO A 144 28.64 -1.47 -27.15
C PRO A 144 27.43 -2.36 -27.52
N LEU A 145 26.92 -3.15 -26.56
CA LEU A 145 25.71 -3.99 -26.74
C LEU A 145 24.49 -3.17 -27.11
N ALA A 146 24.26 -2.04 -26.41
CA ALA A 146 23.16 -1.11 -26.68
C ALA A 146 23.36 -0.44 -28.04
N HIS A 147 24.55 0.14 -28.28
CA HIS A 147 24.92 0.79 -29.55
C HIS A 147 24.71 -0.17 -30.72
N HIS A 148 25.14 -1.45 -30.60
CA HIS A 148 24.98 -2.47 -31.63
C HIS A 148 23.50 -2.66 -31.99
N LEU A 149 22.63 -2.74 -30.98
CA LEU A 149 21.20 -2.89 -31.20
C LEU A 149 20.60 -1.64 -31.85
N LEU A 150 21.09 -0.44 -31.47
CA LEU A 150 20.66 0.85 -32.05
C LEU A 150 21.05 0.94 -33.53
N VAL A 151 22.25 0.45 -33.89
CA VAL A 151 22.78 0.44 -35.26
C VAL A 151 21.99 -0.56 -36.12
N VAL A 152 21.79 -1.80 -35.62
CA VAL A 152 21.06 -2.89 -36.27
C VAL A 152 19.62 -2.49 -36.63
N HIS A 153 18.87 -1.96 -35.64
CA HIS A 153 17.48 -1.53 -35.81
C HIS A 153 17.36 -0.36 -36.78
N HIS A 154 18.34 0.55 -36.77
CA HIS A 154 18.37 1.69 -37.70
C HIS A 154 18.79 1.20 -39.09
N GLY A 155 19.41 0.02 -39.17
CA GLY A 155 19.84 -0.60 -40.41
C GLY A 155 18.68 -1.22 -41.19
N GLN A 156 17.66 -1.70 -40.46
CA GLN A 156 16.45 -2.32 -41.03
C GLN A 156 15.37 -1.25 -41.15
N ARG A 157 14.95 -0.94 -42.39
CA ARG A 157 13.94 0.08 -42.70
C ARG A 157 12.61 -0.05 -41.94
N GLN A 158 12.18 -1.31 -41.66
CA GLN A 158 10.95 -1.57 -40.90
C GLN A 158 11.16 -1.31 -39.39
N LYS A 159 12.41 -1.52 -38.90
CA LYS A 159 12.80 -1.33 -37.49
C LYS A 159 13.17 0.12 -37.10
N ARG A 160 13.59 0.98 -38.09
CA ARG A 160 13.93 2.40 -37.86
C ARG A 160 12.76 3.10 -37.16
N LYS A 161 11.53 2.82 -37.65
CA LYS A 161 10.23 3.30 -37.17
C LYS A 161 10.03 3.05 -35.68
N LEU A 162 10.63 1.95 -35.17
CA LEU A 162 10.58 1.55 -33.76
C LEU A 162 11.45 2.49 -32.89
N LEU A 163 12.49 3.12 -33.48
CA LEU A 163 13.42 3.99 -32.77
C LEU A 163 12.92 5.41 -32.42
N THR A 164 12.74 5.64 -31.10
CA THR A 164 12.31 6.91 -30.50
C THR A 164 13.55 7.78 -30.18
N LEU A 165 13.39 9.12 -30.12
CA LEU A 165 14.46 10.07 -29.79
C LEU A 165 15.04 9.83 -28.40
N ASP A 166 14.23 9.26 -27.48
CA ASP A 166 14.61 8.93 -26.10
C ASP A 166 15.59 7.76 -26.10
N MET A 167 15.53 6.93 -27.15
CA MET A 167 16.40 5.75 -27.31
C MET A 167 17.78 6.17 -27.74
N TYR A 168 17.88 7.02 -28.78
CA TYR A 168 19.14 7.55 -29.27
C TYR A 168 19.83 8.35 -28.18
N ASN A 169 19.07 9.14 -27.41
CA ASN A 169 19.57 9.97 -26.31
C ASN A 169 20.18 9.10 -25.20
N ALA A 170 19.50 7.95 -24.89
CA ALA A 170 19.94 6.97 -23.89
C ALA A 170 21.32 6.43 -24.29
N VAL A 171 21.50 6.12 -25.58
CA VAL A 171 22.76 5.65 -26.15
C VAL A 171 23.78 6.82 -26.15
N MET A 172 23.33 8.07 -26.41
CA MET A 172 24.19 9.27 -26.43
C MET A 172 24.65 9.63 -25.02
N LEU A 173 23.73 9.52 -24.03
CA LEU A 173 24.01 9.80 -22.62
C LEU A 173 25.19 8.92 -22.19
N GLY A 174 25.04 7.61 -22.42
CA GLY A 174 26.05 6.61 -22.11
C GLY A 174 27.43 6.96 -22.64
N TRP A 175 27.52 7.34 -23.95
CA TRP A 175 28.79 7.70 -24.57
C TRP A 175 29.40 8.93 -23.91
N ALA A 176 28.57 9.94 -23.59
CA ALA A 176 28.98 11.18 -22.92
C ALA A 176 29.67 10.88 -21.59
N ARG A 177 29.05 9.99 -20.78
CA ARG A 177 29.55 9.51 -19.48
C ARG A 177 30.92 8.87 -19.62
N GLN A 178 31.18 8.15 -20.73
CA GLN A 178 32.48 7.51 -21.01
C GLN A 178 33.43 8.51 -21.64
N GLY A 179 32.86 9.55 -22.26
CA GLY A 179 33.61 10.59 -22.96
C GLY A 179 33.97 10.20 -24.38
N ALA A 180 33.19 9.27 -24.97
CA ALA A 180 33.38 8.75 -26.33
C ALA A 180 32.68 9.63 -27.35
N PHE A 181 33.31 10.78 -27.68
CA PHE A 181 32.78 11.80 -28.58
C PHE A 181 32.35 11.31 -29.96
N LYS A 182 33.24 10.63 -30.69
CA LYS A 182 33.00 10.06 -32.02
C LYS A 182 31.79 9.13 -32.07
N GLU A 183 31.63 8.27 -31.05
CA GLU A 183 30.50 7.34 -30.95
C GLU A 183 29.19 8.12 -30.69
N LEU A 184 29.26 9.23 -29.93
CA LEU A 184 28.13 10.11 -29.61
C LEU A 184 27.74 10.90 -30.87
N VAL A 185 28.74 11.44 -31.58
CA VAL A 185 28.58 12.20 -32.83
C VAL A 185 27.91 11.30 -33.89
N TYR A 186 28.28 10.01 -33.93
CA TYR A 186 27.69 9.02 -34.84
C TYR A 186 26.19 8.86 -34.55
N VAL A 187 25.82 8.90 -33.26
CA VAL A 187 24.42 8.80 -32.84
C VAL A 187 23.65 10.08 -33.24
N LEU A 188 24.33 11.26 -33.25
CA LEU A 188 23.70 12.52 -33.67
C LEU A 188 23.33 12.44 -35.13
N PHE A 189 24.28 11.97 -35.96
CA PHE A 189 24.09 11.77 -37.40
C PHE A 189 23.02 10.71 -37.67
N MET A 190 22.92 9.72 -36.77
CA MET A 190 21.91 8.65 -36.84
C MET A 190 20.51 9.24 -36.57
N VAL A 191 20.42 10.27 -35.69
CA VAL A 191 19.17 10.97 -35.32
C VAL A 191 18.61 11.70 -36.57
N LYS A 192 19.49 12.45 -37.28
CA LYS A 192 19.16 13.19 -38.49
C LYS A 192 18.65 12.27 -39.61
N ASP A 193 19.41 11.17 -39.90
CA ASP A 193 19.15 10.16 -40.94
C ASP A 193 17.79 9.45 -40.80
N ALA A 194 17.27 9.38 -39.58
CA ALA A 194 15.96 8.78 -39.29
C ALA A 194 14.85 9.84 -39.41
N GLY A 195 15.26 11.10 -39.59
CA GLY A 195 14.36 12.24 -39.69
C GLY A 195 13.90 12.66 -38.32
N LEU A 196 14.84 13.10 -37.46
CA LEU A 196 14.56 13.56 -36.10
C LEU A 196 15.34 14.83 -35.72
N THR A 197 14.90 15.52 -34.65
CA THR A 197 15.49 16.79 -34.20
C THR A 197 16.08 16.69 -32.79
N PRO A 198 17.33 17.17 -32.58
CA PRO A 198 17.93 17.09 -31.23
C PRO A 198 17.23 17.95 -30.18
N ASP A 199 16.76 17.31 -29.11
CA ASP A 199 16.09 17.98 -27.99
C ASP A 199 17.13 18.42 -26.95
N LEU A 200 16.67 18.94 -25.80
CA LEU A 200 17.51 19.41 -24.68
C LEU A 200 18.49 18.31 -24.21
N LEU A 201 17.99 17.04 -24.12
CA LEU A 201 18.72 15.83 -23.70
C LEU A 201 19.89 15.49 -24.63
N SER A 202 19.67 15.63 -25.96
CA SER A 202 20.67 15.41 -26.98
C SER A 202 21.80 16.42 -26.80
N TYR A 203 21.46 17.66 -26.42
CA TYR A 203 22.44 18.72 -26.16
C TYR A 203 23.11 18.56 -24.79
N ALA A 204 22.48 17.82 -23.86
CA ALA A 204 23.04 17.57 -22.52
C ALA A 204 24.15 16.54 -22.61
N ALA A 205 23.99 15.52 -23.49
CA ALA A 205 25.00 14.48 -23.72
C ALA A 205 26.21 15.10 -24.40
N ALA A 206 26.00 15.85 -25.51
CA ALA A 206 27.05 16.53 -26.27
C ALA A 206 27.90 17.44 -25.38
N LEU A 207 27.25 18.20 -24.46
CA LEU A 207 27.92 19.10 -23.52
C LEU A 207 28.66 18.33 -22.43
N GLN A 208 28.08 17.20 -21.97
CA GLN A 208 28.71 16.35 -20.95
C GLN A 208 30.00 15.75 -21.52
N CYS A 209 29.96 15.33 -22.80
CA CYS A 209 31.09 14.77 -23.51
C CYS A 209 32.20 15.81 -23.73
N MET A 210 31.81 17.07 -24.01
CA MET A 210 32.76 18.17 -24.18
C MET A 210 33.33 18.59 -22.82
N GLY A 211 32.50 18.49 -21.79
CA GLY A 211 32.85 18.82 -20.41
C GLY A 211 33.87 17.89 -19.81
N ARG A 212 33.65 16.58 -19.97
CA ARG A 212 34.53 15.51 -19.48
C ARG A 212 35.92 15.53 -20.14
N GLN A 213 35.98 15.67 -21.49
CA GLN A 213 37.25 15.68 -22.23
C GLN A 213 37.94 17.05 -22.31
N ASP A 214 37.30 18.11 -21.75
CA ASP A 214 37.78 19.50 -21.70
C ASP A 214 38.10 20.04 -23.11
N GLN A 215 37.06 20.49 -23.83
CA GLN A 215 37.17 20.99 -25.20
C GLN A 215 37.37 22.50 -25.34
N ASP A 216 37.93 22.92 -26.51
CA ASP A 216 38.22 24.31 -26.88
C ASP A 216 36.95 25.15 -26.89
N ALA A 217 37.08 26.45 -26.55
CA ALA A 217 36.00 27.43 -26.49
C ALA A 217 35.16 27.51 -27.77
N GLY A 218 35.84 27.45 -28.93
CA GLY A 218 35.21 27.51 -30.25
C GLY A 218 34.28 26.36 -30.55
N THR A 219 34.70 25.12 -30.25
CA THR A 219 33.92 23.89 -30.49
C THR A 219 32.65 23.84 -29.62
N ILE A 220 32.74 24.29 -28.35
CA ILE A 220 31.61 24.35 -27.41
C ILE A 220 30.62 25.44 -27.86
N GLU A 221 31.14 26.64 -28.23
CA GLU A 221 30.35 27.79 -28.70
C GLU A 221 29.55 27.46 -29.96
N ARG A 222 30.13 26.67 -30.89
CA ARG A 222 29.47 26.25 -32.14
C ARG A 222 28.25 25.37 -31.85
N CYS A 223 28.37 24.49 -30.84
CA CYS A 223 27.28 23.61 -30.40
C CYS A 223 26.22 24.47 -29.70
N LEU A 224 26.67 25.49 -28.94
CA LEU A 224 25.80 26.44 -28.23
C LEU A 224 25.07 27.37 -29.19
N GLU A 225 25.69 27.67 -30.36
CA GLU A 225 25.11 28.52 -31.40
C GLU A 225 23.98 27.76 -32.10
N GLN A 226 24.17 26.44 -32.34
CA GLN A 226 23.20 25.52 -32.97
C GLN A 226 21.96 25.35 -32.07
N MET A 227 22.18 25.40 -30.73
CA MET A 227 21.18 25.26 -29.67
C MET A 227 20.13 26.38 -29.72
N SER A 228 20.57 27.65 -29.60
CA SER A 228 19.72 28.84 -29.61
C SER A 228 19.10 29.15 -30.98
N GLN A 229 19.71 28.64 -32.07
CA GLN A 229 19.27 28.81 -33.46
C GLN A 229 17.95 28.07 -33.74
N GLU A 230 17.76 26.89 -33.12
CA GLU A 230 16.58 26.03 -33.29
C GLU A 230 15.18 26.55 -32.86
N GLY A 231 15.00 27.10 -31.64
CA GLY A 231 15.99 27.32 -30.60
C GLY A 231 15.59 26.81 -29.24
N LEU A 232 16.56 26.20 -28.53
CA LEU A 232 16.37 25.62 -27.20
C LEU A 232 17.04 26.50 -26.14
N LYS A 233 16.35 26.72 -25.00
CA LYS A 233 16.84 27.56 -23.91
C LYS A 233 17.82 26.84 -22.99
N LEU A 234 18.96 27.51 -22.72
CA LEU A 234 20.09 27.06 -21.89
C LEU A 234 19.70 26.83 -20.43
N GLN A 235 19.03 27.82 -19.81
CA GLN A 235 18.59 27.82 -18.41
C GLN A 235 17.55 26.71 -18.15
N ALA A 236 16.77 26.35 -19.19
CA ALA A 236 15.74 25.31 -19.19
C ALA A 236 16.32 23.89 -19.11
N LEU A 237 17.60 23.70 -19.49
CA LEU A 237 18.27 22.41 -19.49
C LEU A 237 18.49 21.81 -18.10
N PHE A 238 19.03 22.60 -17.15
CA PHE A 238 19.31 22.15 -15.78
C PHE A 238 18.03 21.96 -14.94
N THR A 239 17.01 22.81 -15.19
CA THR A 239 15.73 22.80 -14.46
C THR A 239 14.80 21.66 -14.91
N ALA A 240 14.31 21.73 -16.18
CA ALA A 240 13.36 20.77 -16.75
C ALA A 240 13.89 19.33 -16.87
N VAL A 241 15.05 19.15 -17.53
CA VAL A 241 15.66 17.83 -17.75
C VAL A 241 16.22 17.24 -16.45
N LEU A 242 15.88 15.97 -16.20
CA LEU A 242 16.34 15.23 -15.03
C LEU A 242 17.72 14.64 -15.36
N LEU A 243 18.75 15.08 -14.63
CA LEU A 243 20.14 14.64 -14.80
C LEU A 243 20.80 14.47 -13.44
N SER A 244 21.67 13.45 -13.32
CA SER A 244 22.40 13.17 -12.07
C SER A 244 23.35 14.30 -11.66
N GLU A 245 23.83 14.25 -10.42
CA GLU A 245 24.76 15.24 -9.83
C GLU A 245 26.06 15.31 -10.64
N GLU A 246 26.62 14.13 -11.01
CA GLU A 246 27.84 14.00 -11.82
C GLU A 246 27.60 14.50 -13.23
N ASP A 247 26.37 14.27 -13.77
CA ASP A 247 25.93 14.72 -15.10
C ASP A 247 25.84 16.24 -15.14
N ARG A 248 25.12 16.86 -14.18
CA ARG A 248 24.91 18.30 -14.08
C ARG A 248 26.19 19.12 -13.89
N ALA A 249 27.12 18.64 -13.04
CA ALA A 249 28.40 19.29 -12.74
C ALA A 249 29.34 19.34 -13.95
N THR A 250 29.28 18.30 -14.79
CA THR A 250 30.08 18.17 -16.01
C THR A 250 29.52 19.10 -17.08
N VAL A 251 28.17 19.10 -17.27
CA VAL A 251 27.45 19.95 -18.23
C VAL A 251 27.66 21.43 -17.84
N LEU A 252 27.77 21.71 -16.53
CA LEU A 252 28.03 23.05 -15.98
C LEU A 252 29.47 23.51 -16.29
N LYS A 253 30.48 22.61 -16.13
CA LYS A 253 31.89 22.90 -16.40
C LYS A 253 32.19 23.20 -17.88
N ALA A 254 31.39 22.63 -18.80
CA ALA A 254 31.49 22.86 -20.25
C ALA A 254 30.96 24.23 -20.63
N VAL A 255 29.86 24.68 -19.97
CA VAL A 255 29.25 25.99 -20.16
C VAL A 255 30.21 27.01 -19.54
N HIS A 256 30.85 26.63 -18.40
CA HIS A 256 31.86 27.42 -17.70
C HIS A 256 33.12 27.68 -18.54
N LYS A 257 33.34 26.88 -19.60
CA LYS A 257 34.46 27.06 -20.54
C LYS A 257 34.19 28.31 -21.41
N VAL A 258 32.91 28.76 -21.48
CA VAL A 258 32.46 29.98 -22.18
C VAL A 258 32.39 31.15 -21.14
N LYS A 259 33.15 30.99 -20.02
CA LYS A 259 33.33 31.91 -18.89
C LYS A 259 32.11 32.70 -18.34
N PRO A 260 30.95 32.05 -18.04
CA PRO A 260 29.81 32.80 -17.48
C PRO A 260 30.03 33.07 -15.97
N THR A 261 29.19 33.84 -15.23
CA THR A 261 27.87 34.44 -15.50
C THR A 261 26.81 33.32 -15.53
N PHE A 262 27.11 32.23 -14.79
CA PHE A 262 26.30 31.00 -14.65
C PHE A 262 24.85 31.32 -14.33
N SER A 263 24.63 32.43 -13.57
CA SER A 263 23.37 33.06 -13.14
C SER A 263 22.15 32.13 -13.02
N LEU A 264 22.39 30.85 -12.63
CA LEU A 264 21.35 29.83 -12.48
C LEU A 264 20.34 30.23 -11.41
N PRO A 265 19.01 30.21 -11.74
CA PRO A 265 18.00 30.64 -10.77
C PRO A 265 18.14 29.99 -9.38
N PRO A 266 18.10 30.79 -8.28
CA PRO A 266 18.22 30.18 -6.94
C PRO A 266 16.97 29.39 -6.55
N GLN A 267 17.12 28.47 -5.57
CA GLN A 267 16.08 27.57 -5.05
C GLN A 267 14.70 28.23 -4.93
N LEU A 268 13.75 27.77 -5.77
CA LEU A 268 12.38 28.26 -5.77
C LEU A 268 11.61 27.57 -4.64
N PRO A 269 10.92 28.33 -3.75
CA PRO A 269 10.19 27.69 -2.63
C PRO A 269 9.07 26.76 -3.08
N PRO A 270 8.94 25.55 -2.47
CA PRO A 270 7.87 24.62 -2.86
C PRO A 270 6.47 25.17 -2.62
N PRO A 271 5.52 24.97 -3.55
CA PRO A 271 4.17 25.51 -3.33
C PRO A 271 3.36 24.66 -2.36
N VAL A 272 2.30 25.28 -1.79
CA VAL A 272 1.41 24.62 -0.84
C VAL A 272 0.05 24.38 -1.49
N ASN A 273 -0.67 23.36 -1.02
CA ASN A 273 -2.01 23.01 -1.46
C ASN A 273 -2.99 24.08 -0.97
N THR A 274 -3.79 24.64 -1.89
CA THR A 274 -4.74 25.71 -1.55
C THR A 274 -6.21 25.31 -1.61
N SER A 275 -6.50 24.00 -1.80
CA SER A 275 -7.87 23.46 -1.85
C SER A 275 -8.63 23.75 -0.56
N LYS A 276 -9.95 23.98 -0.66
CA LYS A 276 -10.84 24.33 0.46
C LYS A 276 -10.63 23.47 1.71
N LEU A 277 -10.65 22.13 1.51
CA LEU A 277 -10.50 21.11 2.55
C LEU A 277 -9.12 20.99 3.20
N LEU A 278 -8.04 21.24 2.43
CA LEU A 278 -6.66 21.10 2.92
C LEU A 278 -5.95 22.40 3.27
N ARG A 279 -6.59 23.56 2.97
CA ARG A 279 -6.10 24.92 3.20
C ARG A 279 -5.56 25.12 4.63
N ASP A 280 -6.38 24.79 5.65
CA ASP A 280 -6.03 24.92 7.07
C ASP A 280 -4.90 24.00 7.51
N VAL A 281 -4.66 22.88 6.80
CA VAL A 281 -3.58 21.93 7.09
C VAL A 281 -2.21 22.54 6.72
N TYR A 282 -2.16 23.32 5.61
CA TYR A 282 -0.93 23.93 5.10
C TYR A 282 -0.73 25.40 5.43
N ALA A 283 -1.80 26.09 5.89
CA ALA A 283 -1.76 27.49 6.30
C ALA A 283 -0.70 27.71 7.39
N LYS A 284 0.22 28.68 7.15
CA LYS A 284 1.35 29.04 8.03
C LYS A 284 0.98 29.83 9.30
N ASP A 285 -0.33 29.83 9.64
CA ASP A 285 -0.87 30.44 10.86
C ASP A 285 -0.41 29.56 12.03
N GLY A 286 0.46 30.13 12.88
CA GLY A 286 1.10 29.50 14.03
C GLY A 286 0.22 28.92 15.12
N ARG A 287 -0.92 28.31 14.74
CA ARG A 287 -1.86 27.64 15.63
C ARG A 287 -1.61 26.13 15.49
N VAL A 288 -0.34 25.73 15.74
CA VAL A 288 0.11 24.35 15.62
C VAL A 288 0.96 23.85 16.81
N SER A 289 0.75 22.58 17.18
CA SER A 289 1.45 21.89 18.27
C SER A 289 1.74 20.44 17.84
N TYR A 290 2.70 20.29 16.89
CA TYR A 290 3.10 19.01 16.31
C TYR A 290 3.71 18.05 17.31
N PRO A 291 3.32 16.75 17.29
CA PRO A 291 3.88 15.81 18.27
C PRO A 291 5.27 15.28 17.94
N LYS A 292 6.14 15.28 18.95
CA LYS A 292 7.49 14.71 18.85
C LYS A 292 7.42 13.24 19.36
N LEU A 293 8.43 12.40 19.01
CA LEU A 293 8.51 11.02 19.48
C LEU A 293 9.11 11.04 20.87
N HIS A 294 8.89 9.96 21.64
CA HIS A 294 9.39 9.84 23.01
C HIS A 294 10.89 9.57 23.07
N LEU A 295 11.48 9.19 21.94
CA LEU A 295 12.90 8.85 21.87
C LEU A 295 13.86 9.98 21.50
N PRO A 296 15.05 10.03 22.13
CA PRO A 296 16.02 11.10 21.80
C PRO A 296 16.78 10.87 20.49
N LEU A 297 17.34 11.95 19.93
CA LEU A 297 18.10 11.97 18.68
C LEU A 297 19.14 10.86 18.57
N LYS A 298 19.97 10.68 19.61
CA LYS A 298 21.02 9.67 19.62
C LYS A 298 20.44 8.26 19.51
N THR A 299 19.35 7.96 20.26
CA THR A 299 18.64 6.67 20.20
C THR A 299 18.06 6.46 18.80
N LEU A 300 17.34 7.46 18.28
CA LEU A 300 16.76 7.40 16.93
C LEU A 300 17.79 7.22 15.81
N GLN A 301 19.01 7.78 15.99
CA GLN A 301 20.12 7.67 15.03
C GLN A 301 20.66 6.26 14.97
N CYS A 302 20.69 5.57 16.14
CA CYS A 302 21.14 4.17 16.26
C CYS A 302 20.23 3.26 15.49
N LEU A 303 18.92 3.44 15.72
CA LEU A 303 17.84 2.65 15.14
C LEU A 303 17.85 2.72 13.61
N PHE A 304 18.12 3.92 13.05
CA PHE A 304 18.26 4.12 11.62
C PHE A 304 19.38 3.26 11.03
N GLU A 305 20.52 3.14 11.75
CA GLU A 305 21.65 2.32 11.31
C GLU A 305 21.26 0.84 11.33
N LYS A 306 20.58 0.38 12.41
CA LYS A 306 20.07 -0.99 12.54
C LYS A 306 19.18 -1.36 11.33
N GLN A 307 18.29 -0.43 10.90
CA GLN A 307 17.39 -0.58 9.76
C GLN A 307 18.12 -0.60 8.41
N LEU A 308 19.11 0.30 8.25
CA LEU A 308 19.96 0.42 7.04
C LEU A 308 20.77 -0.88 6.87
N HIS A 309 21.31 -1.42 7.99
CA HIS A 309 22.05 -2.68 8.02
C HIS A 309 21.14 -3.84 7.56
N MET A 310 19.89 -3.85 8.03
CA MET A 310 18.85 -4.83 7.73
C MET A 310 18.48 -4.78 6.22
N GLU A 311 18.25 -3.56 5.69
CA GLU A 311 17.92 -3.27 4.29
C GLU A 311 19.08 -3.57 3.33
N LEU A 312 20.33 -3.35 3.76
CA LEU A 312 21.51 -3.66 2.93
C LEU A 312 21.70 -5.17 2.73
N ALA A 313 21.38 -5.96 3.77
CA ALA A 313 21.46 -7.43 3.73
C ALA A 313 20.27 -8.01 2.95
N SER A 314 19.19 -7.21 2.80
CA SER A 314 17.92 -7.52 2.12
C SER A 314 17.11 -8.65 2.78
N ARG A 315 17.65 -9.27 3.85
CA ARG A 315 17.02 -10.38 4.57
C ARG A 315 17.17 -10.20 6.08
N VAL A 316 16.12 -10.61 6.83
CA VAL A 316 16.06 -10.59 8.30
C VAL A 316 15.91 -12.02 8.80
N CYS A 317 16.79 -12.40 9.71
CA CYS A 317 16.81 -13.72 10.31
C CYS A 317 16.24 -13.66 11.70
N VAL A 318 15.28 -14.52 11.94
CA VAL A 318 14.49 -14.55 13.16
C VAL A 318 14.46 -15.96 13.76
N VAL A 319 14.51 -16.04 15.10
CA VAL A 319 14.41 -17.31 15.82
C VAL A 319 12.94 -17.80 15.75
N SER A 320 12.73 -19.07 15.36
CA SER A 320 11.39 -19.67 15.29
C SER A 320 10.85 -19.90 16.71
N VAL A 321 9.56 -19.56 16.91
CA VAL A 321 8.88 -19.74 18.20
C VAL A 321 8.28 -21.14 18.35
N GLU A 322 8.31 -21.93 17.26
CA GLU A 322 7.85 -23.33 17.25
C GLU A 322 8.82 -24.10 18.15
N LYS A 323 8.28 -24.79 19.19
CA LYS A 323 9.05 -25.57 20.17
C LYS A 323 10.06 -26.52 19.50
N PRO A 324 11.39 -26.23 19.60
CA PRO A 324 12.37 -27.11 18.95
C PRO A 324 12.69 -28.39 19.72
N THR A 325 12.31 -29.55 19.14
CA THR A 325 12.60 -30.87 19.73
C THR A 325 14.09 -31.14 19.49
N LEU A 326 14.78 -31.71 20.49
CA LEU A 326 16.22 -32.02 20.41
C LEU A 326 16.55 -32.90 19.17
N PRO A 327 17.69 -32.63 18.47
CA PRO A 327 18.01 -33.39 17.24
C PRO A 327 17.99 -34.90 17.36
N SER A 328 16.90 -35.52 16.89
CA SER A 328 16.71 -36.97 16.90
C SER A 328 17.40 -37.61 15.69
N LYS A 329 17.31 -38.96 15.56
CA LYS A 329 17.89 -39.75 14.46
C LYS A 329 17.28 -39.37 13.10
N GLU A 330 16.06 -38.80 13.12
CA GLU A 330 15.31 -38.37 11.94
C GLU A 330 15.46 -36.86 11.63
N VAL A 331 15.53 -36.00 12.68
CA VAL A 331 15.70 -34.54 12.57
C VAL A 331 17.09 -34.22 11.98
N LYS A 332 18.14 -34.88 12.48
CA LYS A 332 19.52 -34.76 12.00
C LYS A 332 19.60 -35.19 10.53
N HIS A 333 18.90 -36.29 10.19
CA HIS A 333 18.81 -36.88 8.85
C HIS A 333 18.00 -36.03 7.86
N ALA A 334 16.93 -35.36 8.32
CA ALA A 334 16.13 -34.49 7.47
C ALA A 334 16.94 -33.23 7.13
N ARG A 335 17.65 -32.66 8.14
CA ARG A 335 18.52 -31.49 8.02
C ARG A 335 19.74 -31.77 7.13
N LYS A 336 20.29 -33.00 7.20
CA LYS A 336 21.43 -33.46 6.37
C LYS A 336 21.01 -33.55 4.89
N THR A 337 19.84 -34.17 4.64
CA THR A 337 19.25 -34.34 3.31
C THR A 337 18.92 -32.97 2.70
N LEU A 338 18.44 -32.03 3.53
CA LEU A 338 18.08 -30.65 3.16
C LEU A 338 19.32 -29.87 2.69
N LYS A 339 20.44 -29.93 3.47
CA LYS A 339 21.71 -29.27 3.16
C LYS A 339 22.29 -29.70 1.81
N THR A 340 22.28 -31.03 1.51
CA THR A 340 22.78 -31.60 0.27
C THR A 340 21.95 -31.14 -0.93
N LEU A 341 20.60 -31.06 -0.79
CA LEU A 341 19.71 -30.59 -1.85
C LEU A 341 19.94 -29.11 -2.15
N ARG A 342 20.05 -28.30 -1.09
CA ARG A 342 20.33 -26.87 -1.18
C ARG A 342 21.72 -26.61 -1.78
N ASP A 343 22.69 -27.49 -1.49
CA ASP A 343 24.05 -27.43 -2.02
C ASP A 343 24.00 -27.79 -3.52
N GLN A 344 23.19 -28.82 -3.87
CA GLN A 344 22.95 -29.31 -5.23
C GLN A 344 22.25 -28.26 -6.10
N TRP A 345 21.18 -27.64 -5.58
CA TRP A 345 20.39 -26.62 -6.28
C TRP A 345 21.19 -25.36 -6.59
N GLU A 346 21.98 -24.87 -5.62
CA GLU A 346 22.86 -23.69 -5.75
C GLU A 346 23.79 -23.82 -6.97
N LYS A 347 24.41 -25.00 -7.14
CA LYS A 347 25.32 -25.27 -8.27
C LYS A 347 24.53 -25.48 -9.56
N ALA A 348 23.32 -26.09 -9.45
CA ALA A 348 22.43 -26.37 -10.59
C ALA A 348 21.86 -25.10 -11.20
N LEU A 349 21.39 -24.15 -10.34
CA LEU A 349 20.84 -22.86 -10.74
C LEU A 349 21.93 -21.99 -11.34
N CYS A 350 23.07 -21.87 -10.64
CA CYS A 350 24.24 -21.10 -11.08
C CYS A 350 24.70 -21.46 -12.51
N ARG A 351 24.59 -22.75 -12.87
CA ARG A 351 24.92 -23.26 -14.20
C ARG A 351 23.82 -22.93 -15.21
N ALA A 352 22.53 -23.00 -14.78
CA ALA A 352 21.37 -22.67 -15.62
C ALA A 352 21.36 -21.18 -16.00
N LEU A 353 21.71 -20.31 -15.02
CA LEU A 353 21.82 -18.85 -15.16
C LEU A 353 22.93 -18.49 -16.14
N ARG A 354 24.11 -19.14 -15.99
CA ARG A 354 25.30 -18.99 -16.85
C ARG A 354 24.99 -19.37 -18.30
N GLU A 355 24.26 -20.49 -18.49
CA GLU A 355 23.86 -21.00 -19.81
C GLU A 355 22.84 -20.08 -20.47
N THR A 356 21.87 -19.54 -19.72
CA THR A 356 20.88 -18.64 -20.31
C THR A 356 21.48 -17.25 -20.61
N LYS A 357 22.44 -16.78 -19.78
CA LYS A 357 23.15 -15.50 -19.98
C LYS A 357 23.95 -15.53 -21.31
N ASN A 358 24.63 -16.66 -21.60
CA ASN A 358 25.37 -16.81 -22.84
C ASN A 358 24.45 -16.89 -24.07
N ARG A 359 23.29 -17.59 -23.92
CA ARG A 359 22.26 -17.81 -24.94
C ARG A 359 21.60 -16.48 -25.33
N LEU A 360 21.26 -15.67 -24.32
CA LEU A 360 20.66 -14.35 -24.50
C LEU A 360 21.68 -13.34 -24.99
N GLU A 361 23.00 -13.58 -24.73
CA GLU A 361 24.07 -12.69 -25.21
C GLU A 361 24.20 -12.84 -26.72
N ARG A 362 24.08 -14.10 -27.22
CA ARG A 362 24.15 -14.44 -28.65
C ARG A 362 23.04 -13.72 -29.43
N GLU A 363 21.86 -13.57 -28.79
CA GLU A 363 20.70 -12.89 -29.35
C GLU A 363 20.98 -11.42 -29.60
N VAL A 364 21.65 -10.75 -28.64
CA VAL A 364 22.03 -9.33 -28.73
C VAL A 364 22.99 -9.12 -29.90
N TYR A 365 24.01 -9.98 -30.02
CA TYR A 365 25.02 -9.94 -31.09
C TYR A 365 24.38 -10.17 -32.46
N GLU A 366 23.17 -10.75 -32.46
CA GLU A 366 22.37 -11.03 -33.66
C GLU A 366 21.41 -9.87 -33.97
N GLY A 367 21.42 -8.85 -33.11
CA GLY A 367 20.64 -7.64 -33.26
C GLY A 367 19.20 -7.71 -32.79
N ARG A 368 18.91 -8.64 -31.87
CA ARG A 368 17.57 -8.82 -31.30
C ARG A 368 17.58 -8.54 -29.80
N PHE A 369 16.47 -7.98 -29.26
CA PHE A 369 16.33 -7.76 -27.82
C PHE A 369 16.45 -9.12 -27.09
N SER A 370 16.92 -9.07 -25.85
CA SER A 370 17.02 -10.19 -24.93
C SER A 370 17.16 -9.61 -23.53
N LEU A 371 16.84 -10.42 -22.50
CA LEU A 371 16.91 -9.96 -21.11
C LEU A 371 18.33 -10.03 -20.54
N TYR A 372 19.35 -10.22 -21.41
CA TYR A 372 20.76 -10.30 -21.05
C TYR A 372 21.28 -9.14 -20.14
N PRO A 373 21.16 -7.83 -20.51
CA PRO A 373 21.66 -6.77 -19.62
C PRO A 373 21.04 -6.79 -18.22
N PHE A 374 19.73 -7.13 -18.12
CA PHE A 374 18.97 -7.23 -16.88
C PHE A 374 19.51 -8.34 -15.96
N LEU A 375 20.07 -9.41 -16.54
CA LEU A 375 20.70 -10.51 -15.77
C LEU A 375 22.14 -10.16 -15.36
N CYS A 376 22.64 -8.98 -15.80
CA CYS A 376 23.97 -8.49 -15.48
C CYS A 376 23.96 -7.43 -14.37
N LEU A 377 22.77 -7.00 -13.93
CA LEU A 377 22.61 -6.01 -12.84
C LEU A 377 23.10 -6.54 -11.50
N LEU A 378 22.78 -7.80 -11.20
CA LEU A 378 23.22 -8.44 -9.95
C LEU A 378 24.29 -9.49 -10.18
N ASP A 379 25.03 -9.83 -9.11
CA ASP A 379 26.03 -10.89 -9.12
C ASP A 379 25.29 -12.20 -9.34
N GLU A 380 25.83 -13.12 -10.15
CA GLU A 380 25.20 -14.42 -10.40
C GLU A 380 24.83 -15.14 -9.09
N ARG A 381 25.76 -15.12 -8.10
CA ARG A 381 25.58 -15.70 -6.76
C ARG A 381 24.43 -15.06 -5.99
N GLU A 382 24.17 -13.74 -6.16
CA GLU A 382 23.04 -13.07 -5.49
C GLU A 382 21.68 -13.36 -6.14
N VAL A 383 21.65 -13.72 -7.45
CA VAL A 383 20.42 -14.09 -8.18
C VAL A 383 20.03 -15.50 -7.72
N VAL A 384 21.03 -16.39 -7.62
CA VAL A 384 20.86 -17.78 -7.20
C VAL A 384 20.37 -17.81 -5.75
N ARG A 385 21.01 -17.02 -4.86
CA ARG A 385 20.63 -16.87 -3.45
C ARG A 385 19.17 -16.48 -3.38
N MET A 386 18.77 -15.45 -4.16
CA MET A 386 17.41 -14.92 -4.26
C MET A 386 16.41 -16.00 -4.71
N LEU A 387 16.74 -16.77 -5.77
CA LEU A 387 15.88 -17.83 -6.28
C LEU A 387 15.73 -18.95 -5.25
N LEU A 388 16.81 -19.25 -4.51
CA LEU A 388 16.85 -20.28 -3.47
C LEU A 388 15.96 -19.90 -2.28
N GLN A 389 15.99 -18.61 -1.88
CA GLN A 389 15.16 -18.12 -0.79
C GLN A 389 13.69 -17.96 -1.19
N VAL A 390 13.40 -17.97 -2.51
CA VAL A 390 12.03 -17.94 -3.01
C VAL A 390 11.51 -19.37 -2.86
N LEU A 391 12.30 -20.38 -3.33
CA LEU A 391 12.02 -21.82 -3.21
C LEU A 391 11.64 -22.16 -1.76
N GLN A 392 12.47 -21.69 -0.80
CA GLN A 392 12.38 -21.86 0.64
C GLN A 392 11.10 -21.22 1.26
N ALA A 393 10.75 -20.01 0.81
CA ALA A 393 9.58 -19.28 1.29
C ALA A 393 8.27 -19.66 0.59
N LEU A 394 8.34 -20.54 -0.43
CA LEU A 394 7.15 -20.95 -1.18
C LEU A 394 6.19 -21.73 -0.28
N PRO A 395 4.91 -21.33 -0.19
CA PRO A 395 3.96 -22.08 0.66
C PRO A 395 3.67 -23.50 0.13
N ALA A 396 3.39 -24.43 1.06
CA ALA A 396 3.06 -25.84 0.78
C ALA A 396 1.83 -25.97 -0.14
N GLN A 397 0.88 -25.02 0.01
CA GLN A 397 -0.37 -24.93 -0.76
C GLN A 397 -0.12 -24.37 -2.18
N GLY A 398 1.06 -23.77 -2.39
CA GLY A 398 1.48 -23.19 -3.66
C GLY A 398 1.22 -21.70 -3.81
N GLU A 399 1.73 -21.11 -4.90
CA GLU A 399 1.57 -19.69 -5.25
C GLU A 399 1.33 -19.57 -6.76
N SER A 400 0.65 -18.50 -7.22
CA SER A 400 0.41 -18.34 -8.65
C SER A 400 1.66 -17.87 -9.39
N PHE A 401 1.95 -18.53 -10.53
CA PHE A 401 3.11 -18.28 -11.41
C PHE A 401 3.29 -16.81 -11.78
N THR A 402 2.17 -16.10 -12.06
CA THR A 402 2.14 -14.67 -12.42
C THR A 402 2.65 -13.83 -11.25
N THR A 403 2.18 -14.16 -10.04
CA THR A 403 2.57 -13.49 -8.79
C THR A 403 4.04 -13.75 -8.47
N LEU A 404 4.52 -14.98 -8.75
CA LEU A 404 5.91 -15.38 -8.53
C LEU A 404 6.84 -14.63 -9.48
N ALA A 405 6.40 -14.41 -10.74
CA ALA A 405 7.15 -13.69 -11.75
C ALA A 405 7.36 -12.25 -11.28
N ARG A 406 6.28 -11.62 -10.79
CA ARG A 406 6.26 -10.26 -10.26
C ARG A 406 7.13 -10.19 -9.01
N GLU A 407 7.12 -11.25 -8.18
CA GLU A 407 7.90 -11.30 -6.93
C GLU A 407 9.42 -11.40 -7.20
N LEU A 408 9.81 -12.14 -8.26
CA LEU A 408 11.24 -12.29 -8.63
C LEU A 408 11.79 -11.00 -9.19
N SER A 409 11.01 -10.31 -10.06
CA SER A 409 11.38 -9.00 -10.61
C SER A 409 11.41 -7.92 -9.54
N ALA A 410 10.55 -8.04 -8.52
CA ALA A 410 10.48 -7.09 -7.40
C ALA A 410 11.75 -7.24 -6.60
N ARG A 411 12.11 -8.49 -6.27
CA ARG A 411 13.32 -8.85 -5.53
C ARG A 411 14.61 -8.56 -6.33
N THR A 412 14.59 -8.72 -7.69
CA THR A 412 15.76 -8.42 -8.52
C THR A 412 15.98 -6.91 -8.53
N PHE A 413 14.92 -6.12 -8.83
CA PHE A 413 14.99 -4.65 -8.87
C PHE A 413 15.39 -4.07 -7.53
N SER A 414 14.66 -4.48 -6.46
CA SER A 414 14.87 -4.05 -5.08
C SER A 414 16.34 -4.19 -4.71
N ARG A 415 16.93 -5.40 -4.93
CA ARG A 415 18.34 -5.66 -4.64
C ARG A 415 19.28 -4.83 -5.53
N HIS A 416 18.95 -4.69 -6.83
CA HIS A 416 19.71 -3.86 -7.77
C HIS A 416 19.80 -2.41 -7.30
N VAL A 417 18.66 -1.83 -6.89
CA VAL A 417 18.56 -0.45 -6.41
C VAL A 417 19.39 -0.25 -5.13
N VAL A 418 19.41 -1.28 -4.26
CA VAL A 418 20.19 -1.28 -3.03
C VAL A 418 21.68 -1.26 -3.39
N GLN A 419 22.14 -2.18 -4.28
CA GLN A 419 23.53 -2.26 -4.72
C GLN A 419 24.02 -0.98 -5.39
N ARG A 420 23.20 -0.39 -6.27
CA ARG A 420 23.51 0.86 -6.98
C ARG A 420 23.79 1.99 -5.98
N GLN A 421 22.86 2.23 -5.02
CA GLN A 421 22.95 3.25 -3.96
C GLN A 421 24.16 3.05 -3.04
N ARG A 422 24.45 1.79 -2.72
CA ARG A 422 25.55 1.34 -1.88
C ARG A 422 26.91 1.76 -2.48
N VAL A 423 27.05 1.69 -3.83
CA VAL A 423 28.29 2.05 -4.55
C VAL A 423 28.34 3.52 -5.03
N SER A 424 27.17 4.12 -5.32
CA SER A 424 27.05 5.51 -5.81
C SER A 424 27.34 6.57 -4.73
N GLY A 425 27.50 6.14 -3.48
CA GLY A 425 27.72 7.03 -2.34
C GLY A 425 26.43 7.61 -1.82
N GLN A 426 25.29 7.11 -2.34
CA GLN A 426 23.96 7.56 -1.99
C GLN A 426 23.54 7.24 -0.55
N VAL A 427 24.06 6.13 0.02
CA VAL A 427 23.79 5.68 1.39
C VAL A 427 24.24 6.72 2.42
N GLN A 428 25.47 7.22 2.29
CA GLN A 428 26.06 8.25 3.15
C GLN A 428 25.26 9.55 3.07
N ALA A 429 24.80 9.92 1.84
CA ALA A 429 24.01 11.12 1.60
C ALA A 429 22.68 11.01 2.36
N LEU A 430 22.02 9.83 2.26
CA LEU A 430 20.78 9.53 2.96
C LEU A 430 21.03 9.47 4.48
N GLN A 431 22.18 8.88 4.93
CA GLN A 431 22.59 8.82 6.34
C GLN A 431 22.64 10.23 6.94
N ASN A 432 23.24 11.18 6.20
CA ASN A 432 23.38 12.59 6.60
C ASN A 432 22.03 13.28 6.62
N HIS A 433 21.23 13.07 5.57
CA HIS A 433 19.90 13.63 5.41
C HIS A 433 18.94 13.16 6.49
N TYR A 434 18.90 11.84 6.75
CA TYR A 434 18.03 11.22 7.75
C TYR A 434 18.37 11.68 9.16
N ARG A 435 19.67 11.79 9.48
CA ARG A 435 20.15 12.23 10.78
C ARG A 435 19.76 13.69 11.06
N LYS A 436 19.71 14.53 10.00
CA LYS A 436 19.28 15.93 10.10
C LYS A 436 17.77 15.98 10.25
N TYR A 437 17.05 15.07 9.55
CA TYR A 437 15.60 14.92 9.56
C TYR A 437 15.07 14.53 10.94
N LEU A 438 15.78 13.63 11.64
CA LEU A 438 15.39 13.14 12.96
C LEU A 438 15.17 14.22 14.02
N CYS A 439 15.74 15.43 13.84
CA CYS A 439 15.59 16.57 14.76
C CYS A 439 14.15 16.97 14.97
N LEU A 440 13.35 16.88 13.90
CA LEU A 440 11.93 17.20 13.91
C LEU A 440 11.11 16.17 14.72
N LEU A 441 11.59 14.92 14.78
CA LEU A 441 10.92 13.80 15.46
C LEU A 441 11.47 13.52 16.86
N ALA A 442 12.75 13.84 17.11
CA ALA A 442 13.45 13.58 18.37
C ALA A 442 12.87 14.34 19.56
N SER A 443 12.79 13.66 20.72
CA SER A 443 12.30 14.23 21.98
C SER A 443 13.17 15.38 22.49
N ASP A 444 14.51 15.22 22.39
CA ASP A 444 15.48 16.21 22.85
C ASP A 444 15.77 17.35 21.87
N ALA A 445 15.54 17.13 20.56
CA ALA A 445 15.78 18.16 19.56
C ALA A 445 14.60 19.12 19.37
N GLU A 446 14.86 20.28 18.77
CA GLU A 446 13.89 21.34 18.49
C GLU A 446 14.15 21.93 17.11
N VAL A 447 13.11 21.98 16.27
CA VAL A 447 13.24 22.52 14.91
C VAL A 447 12.97 24.04 14.87
N PRO A 448 13.81 24.84 14.15
CA PRO A 448 13.61 26.32 14.11
C PRO A 448 12.17 26.82 14.11
N GLU A 449 11.35 26.28 13.19
CA GLU A 449 9.93 26.63 13.08
C GLU A 449 9.08 25.36 12.87
N PRO A 450 7.90 25.24 13.56
CA PRO A 450 7.06 24.04 13.40
C PRO A 450 6.88 23.63 11.95
N CYS A 451 6.98 22.33 11.68
CA CYS A 451 7.00 21.83 10.32
C CYS A 451 6.39 20.40 10.20
N LEU A 452 5.97 20.00 8.98
CA LEU A 452 5.45 18.66 8.72
C LEU A 452 6.59 17.77 8.20
N PRO A 453 6.62 16.44 8.52
CA PRO A 453 7.72 15.56 8.03
C PRO A 453 8.14 15.65 6.56
N ARG A 454 7.18 15.62 5.60
CA ARG A 454 7.41 15.70 4.16
C ARG A 454 8.04 17.05 3.82
N GLN A 455 7.51 18.13 4.44
CA GLN A 455 7.97 19.52 4.28
C GLN A 455 9.42 19.68 4.76
N TYR A 456 9.74 19.10 5.93
CA TYR A 456 11.07 19.17 6.54
C TYR A 456 12.08 18.40 5.73
N TRP A 457 11.72 17.19 5.29
CA TRP A 457 12.57 16.32 4.48
C TRP A 457 12.93 17.03 3.18
N GLU A 458 11.96 17.73 2.56
CA GLU A 458 12.19 18.45 1.31
C GLU A 458 13.04 19.72 1.48
N ALA A 459 12.77 20.49 2.56
CA ALA A 459 13.46 21.74 2.90
C ALA A 459 14.97 21.58 3.16
N LEU A 460 15.39 20.44 3.74
CA LEU A 460 16.79 20.14 4.05
C LEU A 460 17.65 20.09 2.78
N GLY A 461 17.05 19.59 1.69
CA GLY A 461 17.70 19.44 0.40
C GLY A 461 17.74 17.98 0.03
N ALA A 462 16.55 17.41 -0.20
CA ALA A 462 16.33 16.00 -0.53
C ALA A 462 16.96 15.53 -1.85
N PRO A 463 17.94 14.58 -1.79
CA PRO A 463 18.49 14.06 -3.06
C PRO A 463 17.52 13.03 -3.63
N GLU A 464 16.72 13.47 -4.63
CA GLU A 464 15.70 12.65 -5.30
C GLU A 464 16.34 11.36 -5.84
N ALA A 465 15.98 10.23 -5.21
CA ALA A 465 16.48 8.89 -5.53
C ALA A 465 16.35 8.51 -6.99
N LEU A 466 17.31 9.01 -7.81
CA LEU A 466 17.42 8.88 -9.26
C LEU A 466 17.06 7.50 -9.82
N ARG A 467 17.56 6.42 -9.18
CA ARG A 467 17.34 5.01 -9.56
C ARG A 467 15.85 4.58 -9.55
N GLU A 468 14.94 5.53 -9.27
CA GLU A 468 13.48 5.39 -9.25
C GLU A 468 13.01 4.41 -10.35
N GLN A 469 13.24 4.79 -11.63
CA GLN A 469 12.88 4.10 -12.89
C GLN A 469 12.74 2.57 -12.82
N PRO A 470 11.56 2.02 -12.43
CA PRO A 470 11.41 0.55 -12.44
C PRO A 470 11.24 0.10 -13.88
N TRP A 471 11.48 -1.18 -14.15
CA TRP A 471 11.37 -1.66 -15.52
C TRP A 471 9.90 -1.72 -15.98
N PRO A 472 9.58 -1.41 -17.26
CA PRO A 472 8.17 -1.49 -17.72
C PRO A 472 7.56 -2.88 -17.50
N LEU A 473 6.21 -2.96 -17.39
CA LEU A 473 5.52 -4.23 -17.17
C LEU A 473 5.95 -5.40 -18.08
N PRO A 474 6.11 -5.24 -19.44
CA PRO A 474 6.58 -6.37 -20.27
C PRO A 474 7.97 -6.88 -19.90
N VAL A 475 8.87 -5.98 -19.47
CA VAL A 475 10.24 -6.31 -19.04
C VAL A 475 10.15 -7.02 -17.69
N GLN A 476 9.32 -6.47 -16.79
CA GLN A 476 9.06 -6.99 -15.45
C GLN A 476 8.52 -8.41 -15.49
N MET A 477 7.62 -8.70 -16.43
CA MET A 477 7.00 -10.01 -16.57
C MET A 477 7.90 -11.01 -17.26
N GLU A 478 8.51 -10.61 -18.41
CA GLU A 478 9.44 -11.45 -19.19
C GLU A 478 10.62 -11.93 -18.32
N LEU A 479 11.18 -11.03 -17.47
CA LEU A 479 12.28 -11.36 -16.57
C LEU A 479 11.81 -12.33 -15.52
N GLY A 480 10.70 -12.00 -14.85
CA GLY A 480 10.09 -12.81 -13.80
C GLY A 480 9.77 -14.23 -14.20
N LYS A 481 9.21 -14.42 -15.43
CA LYS A 481 8.87 -15.71 -16.02
C LYS A 481 10.15 -16.57 -16.17
N LEU A 482 11.18 -16.00 -16.83
CA LEU A 482 12.48 -16.64 -17.05
C LEU A 482 13.08 -17.15 -15.74
N LEU A 483 13.18 -16.28 -14.71
CA LEU A 483 13.69 -16.62 -13.38
C LEU A 483 12.87 -17.74 -12.71
N ALA A 484 11.52 -17.67 -12.84
CA ALA A 484 10.62 -18.68 -12.27
C ALA A 484 10.78 -20.04 -12.97
N GLU A 485 10.77 -20.06 -14.32
CA GLU A 485 10.94 -21.27 -15.13
C GLU A 485 12.38 -21.84 -15.08
N MET A 486 13.36 -21.01 -14.65
CA MET A 486 14.75 -21.40 -14.49
C MET A 486 14.88 -22.14 -13.17
N LEU A 487 14.19 -21.64 -12.13
CA LEU A 487 14.13 -22.19 -10.78
C LEU A 487 13.44 -23.56 -10.82
N VAL A 488 12.42 -23.71 -11.68
CA VAL A 488 11.65 -24.94 -11.87
C VAL A 488 12.48 -26.03 -12.59
N GLN A 489 13.10 -25.70 -13.74
CA GLN A 489 13.90 -26.63 -14.56
C GLN A 489 15.19 -27.14 -13.90
N ALA A 490 15.97 -26.24 -13.24
CA ALA A 490 17.24 -26.58 -12.58
C ALA A 490 17.12 -27.38 -11.29
N THR A 491 16.09 -27.11 -10.45
CA THR A 491 15.89 -27.80 -9.17
C THR A 491 15.24 -29.19 -9.29
N GLN A 492 15.90 -30.22 -8.71
CA GLN A 492 15.46 -31.62 -8.70
C GLN A 492 15.77 -32.29 -7.36
N MET A 493 15.07 -33.41 -7.06
CA MET A 493 15.25 -34.19 -5.83
C MET A 493 14.88 -35.68 -5.97
N PRO A 494 15.59 -36.62 -5.29
CA PRO A 494 15.23 -38.04 -5.43
C PRO A 494 14.06 -38.45 -4.53
N CYS A 495 13.25 -39.44 -4.98
CA CYS A 495 12.09 -39.94 -4.24
C CYS A 495 12.33 -41.32 -3.64
N VAL A 507 10.86 -36.17 -10.10
CA VAL A 507 12.23 -35.68 -9.84
C VAL A 507 12.29 -34.14 -9.59
N PRO A 508 11.79 -33.21 -10.47
CA PRO A 508 11.88 -31.77 -10.16
C PRO A 508 11.16 -31.33 -8.88
N VAL A 509 11.67 -30.26 -8.24
CA VAL A 509 11.14 -29.75 -6.96
C VAL A 509 9.78 -29.04 -7.11
N LEU A 510 9.65 -28.17 -8.11
CA LEU A 510 8.41 -27.41 -8.33
C LEU A 510 7.62 -27.91 -9.54
N TYR A 511 6.28 -27.83 -9.47
CA TYR A 511 5.39 -28.28 -10.53
C TYR A 511 4.35 -27.25 -10.94
N HIS A 512 4.07 -27.18 -12.25
CA HIS A 512 3.09 -26.26 -12.85
C HIS A 512 1.69 -26.89 -12.88
N VAL A 513 0.80 -26.37 -12.03
CA VAL A 513 -0.59 -26.82 -11.87
C VAL A 513 -1.53 -25.64 -12.17
N TYR A 514 -2.66 -25.89 -12.87
CA TYR A 514 -3.65 -24.86 -13.20
C TYR A 514 -4.94 -25.10 -12.43
N SER A 515 -5.30 -24.13 -11.57
CA SER A 515 -6.48 -24.18 -10.70
C SER A 515 -7.76 -23.98 -11.50
N GLN A 520 -8.52 -20.70 -9.79
CA GLN A 520 -9.53 -20.46 -10.81
C GLN A 520 -8.89 -20.23 -12.19
N GLN A 521 -8.51 -21.34 -12.86
CA GLN A 521 -7.83 -21.41 -14.18
C GLN A 521 -6.49 -20.62 -14.25
N ILE A 522 -6.05 -20.07 -13.10
CA ILE A 522 -4.79 -19.32 -12.96
C ILE A 522 -3.63 -20.27 -12.71
N GLY A 523 -2.53 -20.05 -13.44
CA GLY A 523 -1.32 -20.84 -13.35
C GLY A 523 -0.63 -20.71 -12.02
N ILE A 524 -0.50 -21.84 -11.30
CA ILE A 524 0.14 -21.89 -9.98
C ILE A 524 1.37 -22.82 -9.95
N LEU A 525 2.27 -22.59 -8.99
CA LEU A 525 3.45 -23.40 -8.77
C LEU A 525 3.42 -23.96 -7.36
N LYS A 526 3.23 -25.28 -7.25
CA LYS A 526 3.16 -26.00 -5.99
C LYS A 526 4.45 -26.84 -5.77
N PRO A 527 5.01 -26.87 -4.54
CA PRO A 527 6.23 -27.66 -4.33
C PRO A 527 5.98 -29.17 -4.22
N HIS A 528 7.04 -29.99 -4.18
CA HIS A 528 6.90 -31.44 -4.04
C HIS A 528 6.39 -31.77 -2.63
N PRO A 529 5.36 -32.66 -2.48
CA PRO A 529 4.84 -32.95 -1.14
C PRO A 529 5.83 -33.60 -0.18
N ALA A 530 6.83 -34.36 -0.71
CA ALA A 530 7.88 -34.99 0.10
C ALA A 530 8.87 -33.92 0.62
N TYR A 531 9.18 -32.92 -0.23
CA TYR A 531 10.04 -31.78 0.10
C TYR A 531 9.43 -30.95 1.25
N VAL A 532 8.10 -30.72 1.22
CA VAL A 532 7.34 -29.97 2.24
C VAL A 532 7.43 -30.65 3.61
N GLN A 533 7.30 -32.01 3.61
CA GLN A 533 7.39 -32.86 4.80
C GLN A 533 8.84 -32.94 5.26
N LEU A 534 9.80 -32.87 4.29
CA LEU A 534 11.24 -32.86 4.54
C LEU A 534 11.62 -31.58 5.31
N LEU A 535 10.94 -30.45 5.01
CA LEU A 535 11.11 -29.18 5.71
C LEU A 535 10.51 -29.26 7.12
N GLU A 536 9.36 -29.99 7.25
CA GLU A 536 8.66 -30.21 8.51
C GLU A 536 9.50 -31.03 9.47
N LYS A 537 10.00 -32.20 9.02
CA LYS A 537 10.86 -33.11 9.77
C LYS A 537 12.23 -32.48 10.13
N ALA A 538 12.68 -31.48 9.34
CA ALA A 538 13.94 -30.76 9.56
C ALA A 538 13.82 -29.82 10.75
N ALA A 539 12.65 -29.17 10.90
CA ALA A 539 12.30 -28.21 11.96
C ALA A 539 13.41 -27.17 12.13
N GLU A 540 13.61 -26.36 11.08
CA GLU A 540 14.62 -25.31 11.03
C GLU A 540 14.39 -24.28 12.14
N PRO A 541 15.37 -24.11 13.06
CA PRO A 541 15.18 -23.18 14.19
C PRO A 541 15.14 -21.70 13.82
N THR A 542 15.43 -21.41 12.55
CA THR A 542 15.54 -20.07 12.04
C THR A 542 14.56 -19.76 10.92
N LEU A 543 13.99 -18.56 10.96
CA LEU A 543 13.08 -18.07 9.96
C LEU A 543 13.70 -16.85 9.34
N THR A 544 13.63 -16.77 8.02
CA THR A 544 14.22 -15.65 7.30
C THR A 544 13.13 -14.97 6.50
N PHE A 545 13.17 -13.63 6.52
CA PHE A 545 12.24 -12.76 5.83
C PHE A 545 13.00 -11.72 5.05
N GLU A 546 12.38 -11.22 4.01
CA GLU A 546 12.84 -10.14 3.19
C GLU A 546 12.68 -8.88 4.09
N ALA A 547 13.75 -8.05 4.21
CA ALA A 547 13.77 -6.81 5.02
C ALA A 547 12.51 -5.94 4.88
N VAL A 548 11.96 -5.91 3.67
CA VAL A 548 10.80 -5.13 3.23
C VAL A 548 9.43 -5.72 3.67
N ASP A 549 9.44 -6.97 4.16
CA ASP A 549 8.27 -7.71 4.64
C ASP A 549 8.13 -7.66 6.16
N VAL A 550 9.01 -6.91 6.84
CA VAL A 550 9.01 -6.78 8.30
C VAL A 550 8.88 -5.30 8.73
N PRO A 551 8.41 -4.97 9.97
CA PRO A 551 8.35 -3.56 10.37
C PRO A 551 9.73 -2.89 10.40
N MET A 552 9.74 -1.57 10.27
CA MET A 552 10.94 -0.73 10.30
C MET A 552 11.41 -0.48 11.73
N LEU A 553 12.72 -0.49 11.93
CA LEU A 553 13.34 -0.31 13.24
C LEU A 553 13.55 1.15 13.57
N CYS A 554 13.27 2.02 12.61
CA CYS A 554 13.40 3.48 12.72
C CYS A 554 12.18 4.14 12.05
N PRO A 555 11.85 5.41 12.39
CA PRO A 555 10.73 6.08 11.68
C PRO A 555 10.88 5.97 10.15
N PRO A 556 9.81 5.65 9.38
CA PRO A 556 9.98 5.53 7.91
C PRO A 556 10.32 6.84 7.20
N LEU A 557 10.75 6.71 5.93
CA LEU A 557 11.04 7.86 5.06
C LEU A 557 9.70 8.49 4.69
N PRO A 558 9.56 9.83 4.82
CA PRO A 558 8.28 10.46 4.44
C PRO A 558 7.97 10.25 2.97
N TRP A 559 6.66 10.12 2.64
CA TRP A 559 6.20 10.00 1.27
C TRP A 559 6.33 11.39 0.64
N THR A 560 7.21 11.53 -0.36
CA THR A 560 7.45 12.80 -1.05
C THR A 560 6.84 12.83 -2.45
N SER A 561 6.46 11.64 -2.99
CA SER A 561 5.89 11.46 -4.33
C SER A 561 5.25 10.05 -4.41
N PRO A 562 4.51 9.69 -5.49
CA PRO A 562 3.96 8.31 -5.59
C PRO A 562 4.99 7.20 -5.63
N HIS A 563 6.26 7.54 -5.95
CA HIS A 563 7.35 6.58 -6.11
C HIS A 563 8.47 6.67 -5.05
N SER A 564 8.34 7.59 -4.06
CA SER A 564 9.35 7.74 -3.01
C SER A 564 8.81 7.92 -1.58
N GLY A 565 9.34 7.11 -0.68
CA GLY A 565 8.99 7.11 0.73
C GLY A 565 8.96 5.69 1.24
N ALA A 566 8.58 5.55 2.52
CA ALA A 566 8.44 4.30 3.28
C ALA A 566 9.80 3.70 3.71
N PHE A 567 10.28 2.68 2.98
CA PHE A 567 11.55 2.04 3.30
C PHE A 567 12.73 2.95 2.93
N LEU A 568 13.85 2.75 3.67
CA LEU A 568 15.08 3.52 3.57
C LEU A 568 15.74 3.47 2.16
N LEU A 569 15.90 2.26 1.61
CA LEU A 569 16.60 2.02 0.36
C LEU A 569 15.74 1.37 -0.71
N SER A 570 14.78 0.54 -0.31
CA SER A 570 13.95 -0.20 -1.22
C SER A 570 12.83 0.64 -1.82
N PRO A 571 12.46 0.42 -3.11
CA PRO A 571 11.37 1.23 -3.69
C PRO A 571 9.98 0.73 -3.28
N THR A 572 9.08 1.66 -2.90
CA THR A 572 7.70 1.35 -2.52
C THR A 572 6.74 2.28 -3.26
N LYS A 573 5.70 1.71 -3.89
CA LYS A 573 4.69 2.50 -4.60
C LYS A 573 3.61 2.95 -3.64
N LEU A 574 3.05 4.16 -3.83
CA LEU A 574 2.02 4.72 -2.95
C LEU A 574 0.72 3.94 -3.11
N MET A 575 0.48 3.42 -4.34
CA MET A 575 -0.69 2.62 -4.63
CA MET A 575 -0.71 2.65 -4.71
C MET A 575 -0.31 1.18 -4.92
N ARG A 576 -0.84 0.28 -4.08
CA ARG A 576 -0.56 -1.16 -4.05
C ARG A 576 -1.18 -2.10 -5.08
N THR A 577 -2.38 -1.80 -5.58
CA THR A 577 -3.11 -2.68 -6.50
C THR A 577 -2.34 -3.10 -7.77
N VAL A 578 -2.38 -4.40 -8.11
CA VAL A 578 -1.71 -4.92 -9.31
C VAL A 578 -2.51 -4.69 -10.60
N GLU A 579 -3.84 -5.02 -10.60
CA GLU A 579 -4.68 -4.84 -11.78
C GLU A 579 -4.64 -3.38 -12.24
N GLY A 580 -4.25 -3.19 -13.49
CA GLY A 580 -4.13 -1.89 -14.16
C GLY A 580 -3.27 -0.86 -13.46
N ALA A 581 -2.17 -1.33 -12.80
CA ALA A 581 -1.25 -0.49 -12.02
C ALA A 581 -0.58 0.63 -12.83
N THR A 582 -0.11 0.33 -14.05
CA THR A 582 0.55 1.30 -14.96
C THR A 582 -0.32 2.54 -15.22
N GLN A 583 -1.63 2.30 -15.50
CA GLN A 583 -2.68 3.28 -15.80
C GLN A 583 -2.95 4.21 -14.61
N HIS A 584 -2.97 3.65 -13.39
CA HIS A 584 -3.20 4.44 -12.18
C HIS A 584 -1.95 5.21 -11.78
N GLN A 585 -0.78 4.55 -11.77
CA GLN A 585 0.48 5.18 -11.37
C GLN A 585 0.79 6.37 -12.23
N GLU A 586 0.52 6.27 -13.54
CA GLU A 586 0.67 7.33 -14.52
C GLU A 586 -0.19 8.52 -14.08
N LEU A 587 -1.48 8.27 -13.75
CA LEU A 587 -2.45 9.28 -13.29
C LEU A 587 -1.97 10.07 -12.07
N LEU A 588 -1.32 9.37 -11.10
CA LEU A 588 -0.75 9.95 -9.88
C LEU A 588 0.48 10.82 -10.16
N GLU A 589 1.23 10.52 -11.24
CA GLU A 589 2.40 11.30 -11.65
C GLU A 589 1.95 12.46 -12.55
N THR A 590 0.80 12.31 -13.27
CA THR A 590 0.19 13.30 -14.19
C THR A 590 -0.45 14.46 -13.40
N CYS A 591 -0.49 14.31 -12.08
CA CYS A 591 -1.10 15.22 -11.12
C CYS A 591 -0.50 16.61 -11.09
N PRO A 592 -1.34 17.63 -10.75
CA PRO A 592 -0.77 18.96 -10.45
C PRO A 592 0.13 18.77 -9.22
N PRO A 593 1.21 19.57 -9.06
CA PRO A 593 2.19 19.26 -7.99
C PRO A 593 1.72 19.02 -6.55
N THR A 594 0.96 19.97 -5.98
CA THR A 594 0.49 19.95 -4.60
C THR A 594 -0.76 19.09 -4.36
N ALA A 595 -1.37 18.56 -5.44
CA ALA A 595 -2.62 17.80 -5.40
C ALA A 595 -2.67 16.59 -4.47
N LEU A 596 -1.55 15.86 -4.35
CA LEU A 596 -1.47 14.65 -3.51
C LEU A 596 -0.98 14.86 -2.08
N HIS A 597 -0.59 16.09 -1.70
CA HIS A 597 -0.07 16.43 -0.36
C HIS A 597 -0.86 15.87 0.83
N GLY A 598 -2.19 15.96 0.78
CA GLY A 598 -3.08 15.45 1.82
C GLY A 598 -2.88 13.96 2.06
N ALA A 599 -2.94 13.18 0.99
CA ALA A 599 -2.75 11.73 1.00
C ALA A 599 -1.32 11.36 1.37
N LEU A 600 -0.34 12.13 0.87
CA LEU A 600 1.09 11.89 1.14
C LEU A 600 1.44 12.08 2.63
N ASP A 601 0.93 13.16 3.23
CA ASP A 601 1.15 13.52 4.63
C ASP A 601 0.44 12.60 5.59
N ALA A 602 -0.83 12.21 5.27
CA ALA A 602 -1.62 11.29 6.08
C ALA A 602 -0.92 9.93 6.15
N LEU A 603 -0.47 9.40 5.00
CA LEU A 603 0.28 8.14 4.94
C LEU A 603 1.61 8.27 5.69
N THR A 604 2.28 9.43 5.59
CA THR A 604 3.51 9.68 6.36
C THR A 604 3.16 9.59 7.87
N GLN A 605 2.09 10.28 8.29
CA GLN A 605 1.61 10.27 9.67
C GLN A 605 1.28 8.85 10.18
N LEU A 606 0.60 8.02 9.36
CA LEU A 606 0.25 6.65 9.74
C LEU A 606 1.49 5.80 10.02
N GLY A 607 2.50 5.97 9.13
CA GLY A 607 3.78 5.28 9.20
C GLY A 607 4.63 5.73 10.37
N ASN A 608 4.47 7.00 10.80
CA ASN A 608 5.22 7.61 11.91
C ASN A 608 4.77 7.24 13.32
N CYS A 609 3.72 6.41 13.44
CA CYS A 609 3.27 5.94 14.75
C CYS A 609 4.20 4.82 15.23
N ALA A 610 4.85 5.05 16.38
CA ALA A 610 5.75 4.08 16.99
C ALA A 610 4.93 3.02 17.74
N TRP A 611 5.26 1.75 17.45
CA TRP A 611 4.58 0.59 18.05
C TRP A 611 5.55 -0.20 18.92
N ARG A 612 4.99 -1.08 19.74
CA ARG A 612 5.70 -2.03 20.58
C ARG A 612 4.77 -3.21 20.88
N VAL A 613 5.34 -4.36 21.25
CA VAL A 613 4.61 -5.60 21.50
C VAL A 613 4.01 -5.62 22.91
N ASN A 614 2.75 -6.07 23.05
CA ASN A 614 2.15 -6.28 24.37
C ASN A 614 2.66 -7.64 24.82
N GLY A 615 3.72 -7.60 25.63
CA GLY A 615 4.46 -8.75 26.16
C GLY A 615 3.65 -9.78 26.90
N ARG A 616 2.71 -9.32 27.78
CA ARG A 616 1.86 -10.21 28.56
CA ARG A 616 1.84 -10.20 28.57
C ARG A 616 0.93 -10.99 27.63
N VAL A 617 0.36 -10.32 26.59
CA VAL A 617 -0.51 -10.88 25.54
C VAL A 617 0.31 -11.91 24.72
N LEU A 618 1.54 -11.53 24.28
CA LEU A 618 2.43 -12.42 23.53
C LEU A 618 2.76 -13.68 24.26
N ASP A 619 3.07 -13.57 25.57
CA ASP A 619 3.47 -14.68 26.41
C ASP A 619 2.38 -15.70 26.54
N LEU A 620 1.15 -15.24 26.62
CA LEU A 620 -0.01 -16.11 26.72
C LEU A 620 -0.34 -16.76 25.37
N VAL A 621 -0.17 -16.03 24.26
CA VAL A 621 -0.44 -16.55 22.92
C VAL A 621 0.56 -17.64 22.58
N LEU A 622 1.84 -17.46 22.98
CA LEU A 622 2.91 -18.42 22.81
C LEU A 622 2.71 -19.71 23.62
N GLN A 623 2.19 -19.63 24.85
CA GLN A 623 1.91 -20.80 25.70
C GLN A 623 0.89 -21.71 24.99
N LEU A 624 -0.18 -21.10 24.42
CA LEU A 624 -1.23 -21.79 23.67
C LEU A 624 -0.69 -22.28 22.33
N PHE A 625 0.03 -21.42 21.57
CA PHE A 625 0.61 -21.79 20.27
C PHE A 625 1.58 -22.95 20.38
N GLN A 626 2.53 -22.86 21.34
CA GLN A 626 3.57 -23.85 21.59
C GLN A 626 3.06 -25.16 22.17
N ALA A 627 1.76 -25.26 22.47
CA ALA A 627 1.16 -26.45 23.05
C ALA A 627 -0.14 -26.81 22.34
N LYS A 628 -0.04 -27.30 21.07
CA LYS A 628 -1.16 -27.72 20.23
C LYS A 628 -2.19 -26.62 19.82
N GLY A 629 -1.90 -25.35 20.10
CA GLY A 629 -2.80 -24.23 19.78
C GLY A 629 -4.04 -24.16 20.64
N CYS A 630 -5.00 -23.32 20.23
CA CYS A 630 -6.28 -23.08 20.90
C CYS A 630 -7.27 -22.46 19.89
N PRO A 631 -7.84 -23.26 18.96
CA PRO A 631 -8.73 -22.68 17.93
C PRO A 631 -9.95 -21.88 18.41
N GLN A 632 -10.39 -22.12 19.66
CA GLN A 632 -11.51 -21.42 20.33
C GLN A 632 -11.13 -19.95 20.57
N LEU A 633 -9.82 -19.68 20.80
CA LEU A 633 -9.26 -18.37 21.06
C LEU A 633 -8.50 -17.81 19.85
N GLY A 634 -8.70 -18.43 18.70
CA GLY A 634 -8.12 -18.00 17.43
C GLY A 634 -6.64 -18.24 17.32
N VAL A 635 -6.14 -19.21 18.09
CA VAL A 635 -4.75 -19.60 18.07
C VAL A 635 -4.69 -20.88 17.22
N PRO A 636 -4.12 -20.80 15.98
CA PRO A 636 -4.07 -21.99 15.10
C PRO A 636 -3.33 -23.20 15.67
N ALA A 637 -3.99 -24.36 15.55
CA ALA A 637 -3.48 -25.65 15.98
C ALA A 637 -2.58 -26.26 14.87
N PRO A 638 -1.63 -27.18 15.18
CA PRO A 638 -0.84 -27.81 14.09
C PRO A 638 -1.69 -28.84 13.32
N PRO A 639 -1.22 -29.26 12.13
CA PRO A 639 -1.91 -30.23 11.28
C PRO A 639 -1.96 -31.63 11.91
N ARG A 674 -7.44 -28.84 6.18
CA ARG A 674 -7.21 -28.43 4.79
C ARG A 674 -6.23 -27.25 4.71
N GLU A 675 -6.74 -26.02 4.97
CA GLU A 675 -5.99 -24.76 5.01
C GLU A 675 -5.33 -24.56 6.41
N MET A 676 -5.07 -25.68 7.10
CA MET A 676 -4.46 -25.78 8.44
C MET A 676 -3.04 -25.21 8.44
N HIS A 677 -2.25 -25.56 7.42
CA HIS A 677 -0.86 -25.13 7.24
C HIS A 677 -0.72 -23.65 7.00
N SER A 678 -1.61 -23.06 6.16
CA SER A 678 -1.60 -21.64 5.81
C SER A 678 -1.81 -20.70 7.01
N LEU A 679 -2.78 -21.03 7.89
CA LEU A 679 -3.13 -20.25 9.07
C LEU A 679 -2.10 -20.42 10.18
N ARG A 680 -1.60 -21.66 10.39
CA ARG A 680 -0.59 -22.03 11.39
C ARG A 680 0.74 -21.35 11.08
N ALA A 681 1.18 -21.41 9.80
CA ALA A 681 2.44 -20.81 9.36
C ALA A 681 2.35 -19.30 9.43
N GLU A 682 1.20 -18.71 9.05
CA GLU A 682 0.96 -17.27 9.12
C GLU A 682 1.08 -16.81 10.57
N ALA A 683 0.57 -17.63 11.54
CA ALA A 683 0.64 -17.38 12.98
C ALA A 683 2.09 -17.54 13.45
N LEU A 684 2.81 -18.57 12.96
CA LEU A 684 4.23 -18.87 13.24
C LEU A 684 5.18 -17.74 12.83
N TYR A 685 4.96 -17.13 11.65
CA TYR A 685 5.79 -16.02 11.15
C TYR A 685 5.53 -14.77 11.98
N ARG A 686 4.25 -14.47 12.21
CA ARG A 686 3.78 -13.30 12.95
C ARG A 686 4.27 -13.33 14.40
N LEU A 687 4.12 -14.47 15.09
CA LEU A 687 4.51 -14.67 16.46
C LEU A 687 6.01 -14.67 16.66
N SER A 688 6.76 -15.19 15.67
CA SER A 688 8.22 -15.19 15.67
C SER A 688 8.75 -13.77 15.51
N LEU A 689 8.08 -12.95 14.70
CA LEU A 689 8.46 -11.54 14.55
C LEU A 689 8.13 -10.75 15.81
N ALA A 690 6.93 -10.98 16.40
CA ALA A 690 6.50 -10.31 17.63
C ALA A 690 7.50 -10.64 18.74
N GLN A 691 7.94 -11.92 18.85
CA GLN A 691 8.96 -12.35 19.81
C GLN A 691 10.30 -11.66 19.52
N HIS A 692 10.67 -11.49 18.23
CA HIS A 692 11.92 -10.84 17.81
C HIS A 692 11.94 -9.36 18.20
N LEU A 693 10.79 -8.70 18.05
CA LEU A 693 10.61 -7.29 18.30
C LEU A 693 10.11 -7.00 19.69
N ARG A 694 9.87 -8.02 20.53
CA ARG A 694 9.30 -7.87 21.87
C ARG A 694 9.88 -6.78 22.77
N ASP A 695 11.19 -6.50 22.64
CA ASP A 695 11.87 -5.46 23.40
C ASP A 695 12.29 -4.27 22.50
N ARG A 696 11.68 -4.18 21.32
CA ARG A 696 11.94 -3.12 20.38
C ARG A 696 10.72 -2.27 20.06
N VAL A 697 11.00 -1.05 19.61
CA VAL A 697 10.06 -0.03 19.11
C VAL A 697 10.08 -0.24 17.58
N PHE A 698 8.91 -0.28 16.94
CA PHE A 698 8.90 -0.46 15.50
C PHE A 698 7.88 0.38 14.80
N TRP A 699 8.10 0.63 13.50
CA TRP A 699 7.23 1.45 12.70
C TRP A 699 6.72 0.64 11.51
N LEU A 700 5.47 0.90 11.14
CA LEU A 700 4.80 0.26 10.02
C LEU A 700 4.57 1.31 8.93
N PRO A 701 5.44 1.42 7.88
CA PRO A 701 5.15 2.39 6.81
C PRO A 701 3.83 1.97 6.14
N HIS A 702 3.02 2.94 5.63
CA HIS A 702 1.72 2.62 5.05
C HIS A 702 1.59 2.90 3.59
N ASN A 703 0.68 2.12 3.00
CA ASN A 703 0.30 2.10 1.59
C ASN A 703 -1.21 2.39 1.41
N MET A 704 -1.66 2.50 0.16
CA MET A 704 -3.01 2.76 -0.27
C MET A 704 -3.37 1.82 -1.41
N ASP A 705 -4.62 1.39 -1.48
CA ASP A 705 -5.07 0.65 -2.64
C ASP A 705 -5.69 1.69 -3.63
N PHE A 706 -6.25 1.23 -4.77
CA PHE A 706 -6.77 2.10 -5.83
C PHE A 706 -7.85 3.12 -5.41
N ARG A 707 -8.75 2.70 -4.50
CA ARG A 707 -9.84 3.50 -3.92
C ARG A 707 -9.47 4.24 -2.61
N GLY A 708 -8.21 4.15 -2.19
CA GLY A 708 -7.70 4.87 -1.04
C GLY A 708 -7.74 4.20 0.31
N ARG A 709 -8.01 2.89 0.34
CA ARG A 709 -8.01 2.15 1.61
C ARG A 709 -6.55 1.99 2.03
N THR A 710 -6.22 2.42 3.26
CA THR A 710 -4.86 2.34 3.78
C THR A 710 -4.49 0.98 4.39
N TYR A 711 -3.25 0.60 4.16
CA TYR A 711 -2.70 -0.66 4.66
C TYR A 711 -1.23 -0.52 4.99
N PRO A 712 -0.74 -1.20 6.06
CA PRO A 712 0.71 -1.20 6.29
C PRO A 712 1.40 -1.97 5.15
N CYS A 713 2.58 -1.51 4.70
CA CYS A 713 3.37 -2.16 3.64
C CYS A 713 3.84 -3.58 4.06
N PRO A 714 4.51 -3.81 5.24
CA PRO A 714 4.95 -5.17 5.59
C PRO A 714 3.79 -6.15 5.79
N PRO A 715 3.75 -7.26 5.03
CA PRO A 715 2.61 -8.22 5.18
C PRO A 715 2.56 -9.13 6.42
N HIS A 716 3.73 -9.60 6.92
CA HIS A 716 3.85 -10.58 8.02
C HIS A 716 3.50 -10.06 9.40
N PHE A 717 4.11 -8.94 9.83
CA PHE A 717 3.80 -8.37 11.13
C PHE A 717 3.24 -6.98 11.03
N ASN A 718 1.93 -6.85 11.40
CA ASN A 718 1.11 -5.63 11.33
C ASN A 718 0.04 -5.53 12.44
N HIS A 719 -0.56 -4.32 12.62
CA HIS A 719 -1.64 -4.01 13.59
C HIS A 719 -2.98 -4.43 13.03
N LEU A 720 -2.97 -4.85 11.77
CA LEU A 720 -4.12 -5.13 10.95
C LEU A 720 -5.03 -6.26 11.42
N GLY A 721 -4.85 -7.43 10.80
CA GLY A 721 -5.57 -8.69 10.93
C GLY A 721 -6.69 -8.93 11.94
N SER A 722 -6.49 -9.97 12.71
CA SER A 722 -7.38 -10.55 13.69
C SER A 722 -7.37 -9.80 15.01
N ASP A 723 -8.21 -10.29 15.94
CA ASP A 723 -8.32 -9.79 17.29
C ASP A 723 -6.99 -10.01 18.02
N VAL A 724 -6.41 -11.21 17.86
CA VAL A 724 -5.15 -11.63 18.46
C VAL A 724 -3.97 -10.76 17.95
N ALA A 725 -3.94 -10.45 16.64
CA ALA A 725 -2.94 -9.60 16.00
C ALA A 725 -3.07 -8.17 16.54
N ARG A 726 -4.32 -7.63 16.66
CA ARG A 726 -4.58 -6.30 17.19
C ARG A 726 -4.15 -6.18 18.69
N ALA A 727 -4.37 -7.27 19.47
CA ALA A 727 -4.04 -7.37 20.90
C ALA A 727 -2.55 -7.43 21.17
N LEU A 728 -1.76 -7.87 20.17
CA LEU A 728 -0.31 -8.00 20.31
C LEU A 728 0.41 -6.67 20.30
N LEU A 729 -0.23 -5.64 19.77
CA LEU A 729 0.32 -4.29 19.67
C LEU A 729 -0.25 -3.27 20.63
N GLU A 730 0.57 -2.26 20.94
CA GLU A 730 0.22 -1.09 21.74
C GLU A 730 1.11 0.05 21.27
N PHE A 731 0.75 1.31 21.58
CA PHE A 731 1.58 2.46 21.20
C PHE A 731 2.88 2.45 22.04
N ALA A 732 4.04 2.65 21.38
CA ALA A 732 5.35 2.69 22.07
C ALA A 732 5.40 3.87 23.01
N GLN A 733 4.87 5.02 22.56
CA GLN A 733 4.75 6.24 23.34
C GLN A 733 3.41 6.19 24.06
N GLY A 734 3.41 6.50 25.33
CA GLY A 734 2.19 6.57 26.12
C GLY A 734 1.79 7.99 26.47
N ARG A 735 0.56 8.14 26.93
CA ARG A 735 0.05 9.45 27.30
C ARG A 735 -0.66 9.35 28.62
N PRO A 736 -0.36 10.26 29.61
CA PRO A 736 -1.09 10.23 30.89
C PRO A 736 -2.60 10.27 30.68
N LEU A 737 -3.35 9.42 31.39
CA LEU A 737 -4.80 9.30 31.23
C LEU A 737 -5.57 10.62 31.37
N GLY A 738 -5.11 11.50 32.25
CA GLY A 738 -5.79 12.76 32.51
C GLY A 738 -7.10 12.52 33.25
N PRO A 739 -8.03 13.49 33.23
CA PRO A 739 -9.27 13.32 34.00
C PRO A 739 -10.27 12.35 33.40
N HIS A 740 -10.21 12.13 32.06
CA HIS A 740 -11.20 11.26 31.43
C HIS A 740 -10.72 9.96 30.80
N GLY A 741 -9.41 9.78 30.69
CA GLY A 741 -8.79 8.59 30.10
C GLY A 741 -9.31 7.26 30.64
N LEU A 742 -9.42 7.17 31.97
CA LEU A 742 -9.90 5.97 32.64
C LEU A 742 -11.30 5.59 32.24
N ASP A 743 -12.21 6.58 32.13
CA ASP A 743 -13.60 6.36 31.72
C ASP A 743 -13.60 5.82 30.30
N TRP A 744 -12.75 6.42 29.43
CA TRP A 744 -12.60 6.00 28.04
C TRP A 744 -12.07 4.59 27.91
N LEU A 745 -11.13 4.20 28.79
CA LEU A 745 -10.58 2.83 28.83
C LEU A 745 -11.69 1.83 29.17
N LYS A 746 -12.54 2.19 30.14
CA LYS A 746 -13.64 1.36 30.61
C LYS A 746 -14.74 1.26 29.56
N ILE A 747 -15.11 2.39 28.92
CA ILE A 747 -16.09 2.39 27.83
C ILE A 747 -15.55 1.51 26.66
N HIS A 748 -14.25 1.68 26.30
CA HIS A 748 -13.58 0.90 25.26
C HIS A 748 -13.63 -0.59 25.54
N LEU A 749 -13.32 -1.01 26.76
CA LEU A 749 -13.37 -2.42 27.20
C LEU A 749 -14.78 -2.97 26.90
N VAL A 750 -15.81 -2.23 27.35
CA VAL A 750 -17.22 -2.58 27.17
C VAL A 750 -17.58 -2.72 25.67
N ASN A 751 -17.11 -1.79 24.82
CA ASN A 751 -17.31 -1.85 23.35
C ASN A 751 -16.77 -3.13 22.77
N LEU A 752 -15.54 -3.51 23.16
CA LEU A 752 -14.86 -4.74 22.72
C LEU A 752 -15.61 -6.02 23.10
N THR A 753 -16.42 -5.98 24.18
CA THR A 753 -17.19 -7.16 24.61
C THR A 753 -18.33 -7.51 23.66
N GLY A 754 -18.84 -6.50 22.96
CA GLY A 754 -19.95 -6.68 22.03
C GLY A 754 -21.28 -6.73 22.73
N LEU A 755 -21.23 -6.74 24.08
CA LEU A 755 -22.38 -6.66 24.97
C LEU A 755 -22.62 -5.12 24.87
N LYS A 756 -23.71 -4.62 25.47
CA LYS A 756 -23.96 -3.17 25.59
C LYS A 756 -23.98 -2.25 24.35
N LYS A 757 -24.18 -2.82 23.14
CA LYS A 757 -24.22 -2.04 21.88
C LYS A 757 -25.37 -1.03 21.81
N ARG A 758 -26.54 -1.37 22.40
CA ARG A 758 -27.70 -0.47 22.40
CA ARG A 758 -27.77 -0.55 22.46
C ARG A 758 -27.72 0.49 23.59
N GLU A 759 -26.75 0.38 24.48
CA GLU A 759 -26.62 1.24 25.65
C GLU A 759 -25.91 2.56 25.43
N PRO A 760 -26.34 3.65 26.12
CA PRO A 760 -25.57 4.91 26.03
C PRO A 760 -24.23 4.77 26.76
N LEU A 761 -23.32 5.70 26.47
CA LEU A 761 -21.97 5.79 27.02
C LEU A 761 -21.86 5.63 28.54
N ARG A 762 -22.75 6.31 29.30
CA ARG A 762 -22.80 6.30 30.78
C ARG A 762 -23.30 4.98 31.35
N LYS A 763 -24.15 4.26 30.59
CA LYS A 763 -24.64 2.95 30.99
C LYS A 763 -23.53 1.93 30.72
N ARG A 764 -22.68 2.17 29.69
CA ARG A 764 -21.51 1.31 29.36
C ARG A 764 -20.44 1.46 30.44
N LEU A 765 -20.21 2.71 30.90
CA LEU A 765 -19.26 3.05 31.96
C LEU A 765 -19.69 2.43 33.28
N ALA A 766 -21.02 2.44 33.55
CA ALA A 766 -21.65 1.87 34.74
C ALA A 766 -21.46 0.35 34.76
N PHE A 767 -21.62 -0.33 33.59
CA PHE A 767 -21.43 -1.78 33.46
C PHE A 767 -19.98 -2.22 33.77
N ALA A 768 -18.99 -1.38 33.40
CA ALA A 768 -17.59 -1.65 33.66
C ALA A 768 -17.31 -1.68 35.18
N GLU A 769 -17.93 -0.76 35.95
CA GLU A 769 -17.79 -0.66 37.41
C GLU A 769 -18.46 -1.87 38.05
N GLU A 770 -19.63 -2.24 37.53
CA GLU A 770 -20.43 -3.40 37.95
C GLU A 770 -19.68 -4.72 37.75
N VAL A 771 -18.86 -4.78 36.70
CA VAL A 771 -18.12 -5.97 36.30
C VAL A 771 -16.60 -5.93 36.62
N MET A 772 -16.15 -4.85 37.30
CA MET A 772 -14.75 -4.59 37.70
C MET A 772 -13.94 -5.75 38.30
N ASP A 773 -14.58 -6.61 39.13
CA ASP A 773 -13.93 -7.77 39.74
C ASP A 773 -13.56 -8.79 38.67
N ASP A 774 -14.44 -8.97 37.66
CA ASP A 774 -14.19 -9.87 36.53
C ASP A 774 -13.11 -9.30 35.58
N ILE A 775 -13.07 -7.97 35.44
CA ILE A 775 -12.05 -7.24 34.67
C ILE A 775 -10.69 -7.52 35.30
N LEU A 776 -10.61 -7.45 36.65
CA LEU A 776 -9.36 -7.72 37.39
C LEU A 776 -8.99 -9.22 37.42
N ASP A 777 -9.97 -10.11 37.54
CA ASP A 777 -9.76 -11.57 37.54
C ASP A 777 -9.29 -12.07 36.14
N SER A 778 -9.68 -11.37 35.08
CA SER A 778 -9.32 -11.69 33.70
C SER A 778 -7.86 -11.31 33.51
N ALA A 779 -7.48 -10.10 33.98
CA ALA A 779 -6.11 -9.57 33.91
C ALA A 779 -5.15 -10.40 34.77
N ASP A 780 -5.56 -10.76 35.99
CA ASP A 780 -4.71 -11.48 36.96
C ASP A 780 -4.47 -12.96 36.69
N GLN A 781 -5.47 -13.68 36.15
CA GLN A 781 -5.36 -15.12 35.87
C GLN A 781 -6.25 -15.43 34.68
N PRO A 782 -5.80 -15.00 33.48
CA PRO A 782 -6.67 -15.14 32.27
C PRO A 782 -7.18 -16.52 31.93
N LEU A 783 -6.35 -17.55 32.11
CA LEU A 783 -6.68 -18.92 31.76
C LEU A 783 -7.28 -19.73 32.89
N THR A 784 -6.93 -19.40 34.14
CA THR A 784 -7.30 -20.17 35.34
C THR A 784 -8.36 -19.60 36.29
N GLY A 785 -8.81 -18.37 36.04
CA GLY A 785 -9.83 -17.73 36.86
C GLY A 785 -11.23 -17.99 36.32
N ARG A 786 -12.10 -16.95 36.37
CA ARG A 786 -13.49 -16.99 35.90
C ARG A 786 -13.60 -16.87 34.35
N LYS A 787 -12.51 -16.41 33.69
CA LYS A 787 -12.37 -16.27 32.23
C LYS A 787 -13.45 -15.41 31.57
N TRP A 788 -13.88 -14.32 32.25
CA TRP A 788 -14.92 -13.42 31.75
C TRP A 788 -14.61 -12.81 30.35
N TRP A 789 -13.33 -12.48 30.11
CA TRP A 789 -12.82 -11.95 28.84
C TRP A 789 -13.06 -12.89 27.67
N MET A 790 -13.02 -14.22 27.90
CA MET A 790 -13.14 -15.24 26.85
C MET A 790 -14.47 -15.18 26.09
N GLY A 791 -15.52 -14.69 26.75
CA GLY A 791 -16.85 -14.55 26.15
C GLY A 791 -17.09 -13.26 25.39
N ALA A 792 -16.04 -12.41 25.25
CA ALA A 792 -16.11 -11.15 24.51
C ALA A 792 -16.16 -11.40 23.02
N GLU A 793 -16.78 -10.45 22.29
CA GLU A 793 -16.84 -10.45 20.84
C GLU A 793 -15.38 -10.38 20.31
N GLU A 794 -14.53 -9.46 20.88
CA GLU A 794 -13.11 -9.29 20.57
C GLU A 794 -12.29 -9.66 21.84
N PRO A 795 -12.08 -10.97 22.13
CA PRO A 795 -11.50 -11.37 23.43
C PRO A 795 -10.07 -10.95 23.80
N TRP A 796 -9.11 -11.17 22.90
CA TRP A 796 -7.73 -10.80 23.10
C TRP A 796 -7.57 -9.30 23.32
N GLN A 797 -8.36 -8.50 22.61
CA GLN A 797 -8.37 -7.06 22.80
C GLN A 797 -9.06 -6.67 24.10
N THR A 798 -10.05 -7.48 24.55
CA THR A 798 -10.74 -7.28 25.83
C THR A 798 -9.76 -7.57 26.94
N LEU A 799 -9.03 -8.69 26.86
CA LEU A 799 -8.03 -9.08 27.85
C LEU A 799 -6.97 -7.98 27.98
N ALA A 800 -6.40 -7.53 26.84
CA ALA A 800 -5.38 -6.46 26.77
C ALA A 800 -5.92 -5.20 27.46
N CYS A 801 -7.25 -4.96 27.35
CA CYS A 801 -7.94 -3.85 27.98
C CYS A 801 -8.18 -4.04 29.48
N CYS A 802 -8.50 -5.29 29.91
CA CYS A 802 -8.65 -5.64 31.32
C CYS A 802 -7.36 -5.34 32.05
N MET A 803 -6.23 -5.71 31.41
CA MET A 803 -4.88 -5.53 31.93
C MET A 803 -4.51 -4.06 32.11
N GLU A 804 -4.86 -3.20 31.13
CA GLU A 804 -4.61 -1.76 31.15
C GLU A 804 -5.44 -1.05 32.25
N VAL A 805 -6.74 -1.41 32.35
CA VAL A 805 -7.65 -0.90 33.38
C VAL A 805 -7.03 -1.24 34.76
N ALA A 806 -6.60 -2.50 34.95
CA ALA A 806 -5.95 -2.99 36.19
C ALA A 806 -4.71 -2.17 36.60
N ASN A 807 -3.82 -1.86 35.64
CA ASN A 807 -2.61 -1.04 35.86
C ASN A 807 -2.95 0.40 36.29
N ALA A 808 -3.93 1.02 35.61
CA ALA A 808 -4.39 2.38 35.83
C ALA A 808 -4.99 2.59 37.21
N VAL A 809 -5.94 1.70 37.62
CA VAL A 809 -6.59 1.75 38.94
C VAL A 809 -5.60 1.52 40.11
N ARG A 810 -4.49 0.77 39.86
CA ARG A 810 -3.46 0.45 40.83
C ARG A 810 -2.32 1.51 40.85
N ALA A 811 -2.41 2.56 39.99
CA ALA A 811 -1.36 3.59 39.94
C ALA A 811 -1.46 4.56 41.14
N SER A 812 -0.35 5.29 41.42
CA SER A 812 -0.24 6.27 42.51
C SER A 812 -1.34 7.33 42.48
N ASP A 813 -1.85 7.58 41.27
CA ASP A 813 -2.90 8.50 40.86
C ASP A 813 -3.31 8.05 39.42
N PRO A 814 -4.49 7.40 39.24
CA PRO A 814 -4.93 6.97 37.88
C PRO A 814 -4.87 8.00 36.74
N ALA A 815 -5.04 9.30 37.06
CA ALA A 815 -5.01 10.39 36.08
C ALA A 815 -3.60 10.65 35.51
N ALA A 816 -2.56 10.25 36.24
CA ALA A 816 -1.16 10.41 35.85
C ALA A 816 -0.56 9.12 35.28
N TYR A 817 -1.36 8.02 35.26
CA TYR A 817 -0.91 6.74 34.72
C TYR A 817 -0.65 6.88 33.20
N VAL A 818 0.56 6.51 32.75
CA VAL A 818 0.96 6.60 31.33
C VAL A 818 0.45 5.39 30.54
N SER A 819 -0.66 5.61 29.82
CA SER A 819 -1.40 4.62 29.03
C SER A 819 -0.89 4.49 27.58
N HIS A 820 -0.65 3.23 27.16
CA HIS A 820 -0.12 2.88 25.82
C HIS A 820 -1.15 2.22 24.96
N LEU A 821 -2.27 1.76 25.56
CA LEU A 821 -3.33 1.05 24.86
C LEU A 821 -4.12 1.93 23.91
N PRO A 822 -4.21 1.55 22.62
CA PRO A 822 -5.03 2.35 21.71
C PRO A 822 -6.51 2.07 21.95
N VAL A 823 -7.32 3.15 21.97
CA VAL A 823 -8.78 3.08 22.08
C VAL A 823 -9.37 3.41 20.69
N HIS A 824 -10.45 2.72 20.31
CA HIS A 824 -11.07 2.76 18.97
C HIS A 824 -12.42 3.42 18.92
N GLN A 825 -12.73 4.08 17.79
CA GLN A 825 -14.04 4.69 17.50
C GLN A 825 -14.32 4.45 16.03
N ASP A 826 -15.55 4.08 15.69
CA ASP A 826 -15.99 3.88 14.30
C ASP A 826 -17.47 4.35 14.11
N GLY A 827 -17.90 4.53 12.86
CA GLY A 827 -19.25 4.95 12.55
C GLY A 827 -20.23 3.80 12.37
N SER A 828 -19.88 2.57 12.82
CA SER A 828 -20.69 1.34 12.72
C SER A 828 -20.67 0.92 11.27
N CYS A 829 -21.38 1.63 10.37
CA CYS A 829 -21.27 1.43 8.90
C CYS A 829 -20.97 2.79 8.26
N ASN A 830 -19.69 3.17 8.27
CA ASN A 830 -19.17 4.45 7.77
C ASN A 830 -19.81 4.88 6.44
N GLY A 831 -19.93 3.93 5.51
CA GLY A 831 -20.53 4.14 4.19
C GLY A 831 -21.96 4.63 4.18
N LEU A 832 -22.80 4.10 5.08
CA LEU A 832 -24.22 4.55 5.14
C LEU A 832 -24.29 5.98 5.66
N GLN A 833 -23.28 6.41 6.42
CA GLN A 833 -23.17 7.78 6.91
C GLN A 833 -22.89 8.72 5.72
N HIS A 834 -22.01 8.28 4.78
CA HIS A 834 -21.72 9.03 3.56
C HIS A 834 -22.96 9.14 2.66
N TYR A 835 -23.71 8.03 2.46
CA TYR A 835 -24.96 8.04 1.69
C TYR A 835 -25.99 9.04 2.28
N ALA A 836 -26.17 9.04 3.64
CA ALA A 836 -27.05 9.91 4.39
C ALA A 836 -26.63 11.39 4.21
N ALA A 837 -25.32 11.68 4.25
CA ALA A 837 -24.80 13.03 4.11
C ALA A 837 -24.86 13.49 2.66
N LEU A 838 -24.50 12.61 1.70
CA LEU A 838 -24.55 12.91 0.27
C LEU A 838 -25.96 13.25 -0.19
N GLY A 839 -26.93 12.50 0.31
CA GLY A 839 -28.32 12.70 -0.05
C GLY A 839 -29.11 13.55 0.91
N ARG A 840 -28.47 14.03 2.02
CA ARG A 840 -29.09 14.83 3.09
C ARG A 840 -30.43 14.19 3.54
N ASP A 841 -30.41 12.84 3.68
CA ASP A 841 -31.51 11.98 4.04
C ASP A 841 -31.65 11.98 5.55
N SER A 842 -32.71 12.61 6.07
CA SER A 842 -32.98 12.68 7.51
C SER A 842 -33.24 11.31 8.13
N VAL A 843 -33.95 10.42 7.40
CA VAL A 843 -34.28 9.05 7.86
C VAL A 843 -33.01 8.23 7.95
N GLY A 844 -32.17 8.31 6.92
CA GLY A 844 -30.88 7.67 6.88
C GLY A 844 -29.93 8.26 7.89
N ALA A 845 -29.91 9.60 8.00
CA ALA A 845 -29.07 10.34 8.95
C ALA A 845 -29.37 9.97 10.40
N ALA A 846 -30.66 9.83 10.76
CA ALA A 846 -31.07 9.42 12.12
C ALA A 846 -30.57 8.02 12.44
N SER A 847 -30.80 7.05 11.52
CA SER A 847 -30.45 5.63 11.63
C SER A 847 -28.95 5.32 11.84
N VAL A 848 -28.03 6.18 11.34
CA VAL A 848 -26.59 5.98 11.47
C VAL A 848 -25.87 7.04 12.33
N ASN A 849 -26.64 7.68 13.23
CA ASN A 849 -26.14 8.60 14.23
C ASN A 849 -25.60 9.92 13.74
N LEU A 850 -26.15 10.43 12.62
CA LEU A 850 -25.77 11.76 12.14
C LEU A 850 -26.59 12.78 12.98
N GLU A 851 -27.86 12.44 13.23
CA GLU A 851 -28.74 13.25 14.09
C GLU A 851 -28.43 12.96 15.59
N PRO A 852 -28.16 14.00 16.44
CA PRO A 852 -27.92 13.72 17.87
C PRO A 852 -29.08 12.97 18.56
N SER A 853 -28.76 12.16 19.54
CA SER A 853 -29.69 11.31 20.28
C SER A 853 -28.96 10.91 21.57
N ASP A 854 -29.71 10.61 22.63
CA ASP A 854 -29.19 10.22 23.94
C ASP A 854 -28.82 8.73 23.96
N VAL A 855 -29.27 7.98 22.97
CA VAL A 855 -28.97 6.54 22.84
C VAL A 855 -28.47 6.28 21.43
N PRO A 856 -27.58 5.29 21.19
CA PRO A 856 -27.19 5.03 19.80
C PRO A 856 -28.35 4.40 19.03
N GLN A 857 -28.40 4.64 17.73
CA GLN A 857 -29.38 4.10 16.80
C GLN A 857 -28.78 2.87 16.12
N ASP A 858 -29.62 1.82 15.93
CA ASP A 858 -29.19 0.56 15.30
C ASP A 858 -29.84 0.42 13.92
N VAL A 859 -29.11 0.76 12.84
CA VAL A 859 -29.61 0.62 11.47
C VAL A 859 -29.97 -0.87 11.17
N TYR A 860 -29.19 -1.81 11.73
CA TYR A 860 -29.34 -3.26 11.61
C TYR A 860 -30.64 -3.80 12.14
N SER A 861 -31.22 -3.14 13.14
CA SER A 861 -32.52 -3.50 13.69
C SER A 861 -33.60 -3.26 12.64
N GLY A 862 -33.60 -2.05 12.06
CA GLY A 862 -34.54 -1.66 11.02
C GLY A 862 -34.40 -2.55 9.80
N VAL A 863 -33.13 -2.75 9.37
CA VAL A 863 -32.80 -3.63 8.24
C VAL A 863 -33.24 -5.07 8.49
N ALA A 864 -32.95 -5.66 9.69
CA ALA A 864 -33.36 -7.02 10.03
C ALA A 864 -34.87 -7.21 9.91
N ALA A 865 -35.67 -6.21 10.38
CA ALA A 865 -37.13 -6.22 10.32
C ALA A 865 -37.59 -6.23 8.87
N GLN A 866 -36.95 -5.39 8.02
CA GLN A 866 -37.24 -5.30 6.59
C GLN A 866 -36.92 -6.63 5.86
N VAL A 867 -35.77 -7.25 6.19
CA VAL A 867 -35.34 -8.55 5.67
C VAL A 867 -36.39 -9.63 6.08
N GLU A 868 -36.89 -9.54 7.32
CA GLU A 868 -37.91 -10.45 7.86
C GLU A 868 -39.24 -10.42 7.10
N VAL A 869 -39.76 -9.22 6.76
CA VAL A 869 -41.03 -9.14 6.03
C VAL A 869 -40.94 -9.79 4.66
N PHE A 870 -39.77 -9.65 4.00
CA PHE A 870 -39.48 -10.24 2.68
C PHE A 870 -39.27 -11.74 2.82
N ARG A 871 -38.52 -12.16 3.87
CA ARG A 871 -38.25 -13.56 4.21
C ARG A 871 -39.55 -14.32 4.46
N ARG A 872 -40.48 -13.72 5.26
CA ARG A 872 -41.79 -14.29 5.59
C ARG A 872 -42.58 -14.67 4.34
N GLN A 873 -42.57 -13.78 3.33
CA GLN A 873 -43.25 -13.98 2.04
C GLN A 873 -42.66 -15.14 1.25
N ASP A 874 -41.32 -15.20 1.10
CA ASP A 874 -40.68 -16.30 0.37
C ASP A 874 -40.82 -17.68 1.09
N ALA A 875 -40.95 -17.66 2.44
CA ALA A 875 -41.17 -18.85 3.25
C ALA A 875 -42.66 -19.24 3.19
N GLN A 876 -43.57 -18.25 2.96
CA GLN A 876 -45.03 -18.45 2.81
C GLN A 876 -45.28 -19.13 1.48
N ARG A 877 -44.33 -18.98 0.54
CA ARG A 877 -44.27 -19.59 -0.78
C ARG A 877 -43.36 -20.83 -0.66
N GLY A 878 -42.92 -21.40 -1.77
CA GLY A 878 -42.09 -22.59 -1.76
C GLY A 878 -40.66 -22.44 -1.27
N MET A 879 -40.12 -21.20 -1.23
CA MET A 879 -38.72 -20.95 -0.87
C MET A 879 -38.19 -21.54 0.43
N ARG A 880 -37.38 -22.60 0.29
CA ARG A 880 -36.74 -23.34 1.38
C ARG A 880 -35.68 -22.50 2.11
N VAL A 881 -34.93 -21.65 1.38
CA VAL A 881 -33.88 -20.77 1.95
C VAL A 881 -34.47 -19.81 2.94
N ALA A 882 -35.60 -19.17 2.58
CA ALA A 882 -36.30 -18.24 3.44
C ALA A 882 -36.86 -18.96 4.66
N GLN A 883 -37.45 -20.17 4.46
CA GLN A 883 -38.04 -21.01 5.50
C GLN A 883 -37.02 -21.37 6.58
N VAL A 884 -35.82 -21.78 6.14
CA VAL A 884 -34.69 -22.21 6.96
C VAL A 884 -33.95 -21.06 7.72
N LEU A 885 -34.20 -19.80 7.31
CA LEU A 885 -33.61 -18.60 7.92
C LEU A 885 -34.44 -17.98 9.05
N GLU A 886 -35.62 -18.55 9.35
CA GLU A 886 -36.49 -18.06 10.43
C GLU A 886 -35.73 -18.17 11.77
N GLY A 887 -35.54 -17.02 12.41
CA GLY A 887 -34.81 -16.90 13.67
C GLY A 887 -33.32 -16.67 13.50
N PHE A 888 -32.84 -16.66 12.24
CA PHE A 888 -31.41 -16.47 11.92
C PHE A 888 -31.08 -15.11 11.30
N ILE A 889 -32.03 -14.15 11.37
CA ILE A 889 -31.91 -12.75 10.88
C ILE A 889 -31.39 -11.92 12.08
N THR A 890 -30.20 -12.28 12.55
CA THR A 890 -29.57 -11.70 13.73
C THR A 890 -28.84 -10.39 13.40
N ARG A 891 -28.53 -9.59 14.43
CA ARG A 891 -27.76 -8.35 14.28
C ARG A 891 -26.40 -8.60 13.59
N LYS A 892 -25.67 -9.65 14.01
CA LYS A 892 -24.35 -10.03 13.45
C LYS A 892 -24.44 -10.45 11.99
N VAL A 893 -25.46 -11.29 11.65
CA VAL A 893 -25.70 -11.74 10.28
C VAL A 893 -26.08 -10.53 9.39
N VAL A 894 -26.99 -9.66 9.87
CA VAL A 894 -27.44 -8.47 9.14
C VAL A 894 -26.31 -7.43 8.97
N LYS A 895 -25.50 -7.19 10.02
CA LYS A 895 -24.39 -6.24 9.96
C LYS A 895 -23.39 -6.66 8.86
N GLN A 896 -23.06 -7.95 8.79
CA GLN A 896 -22.14 -8.48 7.79
C GLN A 896 -22.71 -8.35 6.39
N THR A 897 -24.00 -8.60 6.24
CA THR A 897 -24.69 -8.43 4.97
C THR A 897 -24.72 -6.94 4.57
N VAL A 898 -24.95 -6.01 5.54
CA VAL A 898 -24.97 -4.54 5.28
C VAL A 898 -23.60 -4.12 4.73
N MET A 899 -22.50 -4.61 5.37
CA MET A 899 -21.11 -4.37 4.97
CA MET A 899 -21.13 -4.34 4.95
C MET A 899 -20.89 -4.88 3.54
N THR A 900 -21.34 -6.12 3.27
CA THR A 900 -21.18 -6.78 1.96
C THR A 900 -21.86 -5.94 0.89
N VAL A 901 -23.13 -5.57 1.12
CA VAL A 901 -23.93 -4.77 0.18
C VAL A 901 -23.30 -3.38 -0.01
N VAL A 902 -22.91 -2.70 1.08
CA VAL A 902 -22.29 -1.38 0.98
C VAL A 902 -20.92 -1.37 0.31
N TYR A 903 -20.06 -2.36 0.62
CA TYR A 903 -18.67 -2.39 0.16
C TYR A 903 -18.18 -3.46 -0.80
N GLY A 904 -18.92 -4.57 -0.95
CA GLY A 904 -18.52 -5.68 -1.81
C GLY A 904 -18.60 -5.41 -3.30
N VAL A 905 -17.49 -5.72 -4.04
CA VAL A 905 -17.40 -5.52 -5.49
C VAL A 905 -17.83 -6.79 -6.27
N THR A 906 -17.48 -7.94 -5.70
CA THR A 906 -17.71 -9.35 -6.06
C THR A 906 -16.55 -9.90 -6.88
N ARG A 907 -15.45 -10.34 -6.18
CA ARG A 907 -15.20 -10.39 -4.72
C ARG A 907 -16.25 -11.09 -3.78
N TYR A 908 -15.91 -12.29 -3.30
CA TYR A 908 -16.78 -13.02 -2.40
C TYR A 908 -16.39 -12.76 -0.94
N GLY A 909 -15.47 -11.81 -0.75
CA GLY A 909 -14.94 -11.36 0.54
C GLY A 909 -15.97 -11.27 1.66
N GLY A 910 -16.74 -10.16 1.66
CA GLY A 910 -17.79 -9.87 2.65
C GLY A 910 -18.83 -10.97 2.78
N ARG A 911 -19.16 -11.62 1.65
CA ARG A 911 -20.12 -12.70 1.58
C ARG A 911 -19.59 -13.99 2.25
N LEU A 912 -18.27 -14.26 2.18
CA LEU A 912 -17.70 -15.45 2.83
C LEU A 912 -17.73 -15.26 4.37
N GLN A 913 -17.66 -13.99 4.82
CA GLN A 913 -17.79 -13.57 6.21
C GLN A 913 -19.25 -13.79 6.67
N ILE A 914 -20.24 -13.68 5.73
CA ILE A 914 -21.67 -13.92 5.99
C ILE A 914 -21.84 -15.43 6.24
N GLU A 915 -21.16 -16.25 5.42
CA GLU A 915 -21.12 -17.71 5.52
C GLU A 915 -20.53 -18.16 6.87
N LYS A 916 -19.51 -17.43 7.37
CA LYS A 916 -18.86 -17.65 8.67
C LYS A 916 -19.86 -17.42 9.81
N ARG A 917 -20.59 -16.30 9.78
CA ARG A 917 -21.57 -15.92 10.81
C ARG A 917 -22.76 -16.90 10.92
N LEU A 918 -23.12 -17.56 9.79
CA LEU A 918 -24.17 -18.58 9.72
C LEU A 918 -23.61 -19.91 10.28
N ARG A 919 -22.32 -20.21 10.01
CA ARG A 919 -21.61 -21.39 10.51
C ARG A 919 -21.49 -21.34 12.03
N GLU A 920 -21.32 -20.11 12.59
CA GLU A 920 -21.27 -19.84 14.04
C GLU A 920 -22.68 -20.08 14.67
N LEU A 921 -23.75 -20.11 13.83
CA LEU A 921 -25.10 -20.38 14.29
C LEU A 921 -25.33 -21.88 14.20
N SER A 922 -24.93 -22.59 15.26
CA SER A 922 -24.99 -24.05 15.42
C SER A 922 -26.30 -24.72 14.99
N ASP A 923 -27.45 -24.07 15.28
CA ASP A 923 -28.80 -24.55 14.96
C ASP A 923 -29.26 -24.34 13.50
N PHE A 924 -28.38 -23.73 12.67
CA PHE A 924 -28.66 -23.46 11.26
C PHE A 924 -28.16 -24.59 10.33
N PRO A 925 -29.02 -25.14 9.42
CA PRO A 925 -28.55 -26.21 8.50
C PRO A 925 -27.37 -25.81 7.61
N GLN A 926 -26.17 -26.29 7.99
CA GLN A 926 -24.91 -26.00 7.29
C GLN A 926 -24.87 -26.33 5.79
N GLU A 927 -25.93 -26.97 5.29
CA GLU A 927 -26.16 -27.30 3.89
C GLU A 927 -26.65 -26.05 3.14
N PHE A 928 -27.42 -25.18 3.81
CA PHE A 928 -28.00 -23.96 3.24
C PHE A 928 -27.09 -22.71 3.28
N VAL A 929 -25.99 -22.74 4.05
CA VAL A 929 -25.03 -21.64 4.27
C VAL A 929 -24.63 -20.77 3.03
N TRP A 930 -24.36 -21.39 1.87
CA TRP A 930 -23.96 -20.69 0.66
C TRP A 930 -25.18 -20.07 -0.03
N GLU A 931 -26.29 -20.82 -0.10
CA GLU A 931 -27.55 -20.38 -0.71
C GLU A 931 -28.17 -19.20 0.06
N ALA A 932 -28.08 -19.23 1.42
CA ALA A 932 -28.62 -18.24 2.35
C ALA A 932 -27.87 -16.93 2.29
N SER A 933 -26.52 -16.98 2.13
CA SER A 933 -25.63 -15.81 2.04
C SER A 933 -25.98 -15.00 0.81
N HIS A 934 -26.32 -15.67 -0.30
CA HIS A 934 -26.75 -14.99 -1.51
C HIS A 934 -28.15 -14.39 -1.32
N TYR A 935 -29.06 -15.11 -0.65
CA TYR A 935 -30.42 -14.65 -0.36
C TYR A 935 -30.40 -13.43 0.59
N LEU A 936 -29.58 -13.47 1.65
CA LEU A 936 -29.44 -12.38 2.58
C LEU A 936 -28.93 -11.10 1.89
N VAL A 937 -27.92 -11.19 1.00
CA VAL A 937 -27.39 -10.07 0.20
C VAL A 937 -28.52 -9.46 -0.64
N ARG A 938 -29.31 -10.32 -1.33
CA ARG A 938 -30.43 -9.93 -2.18
C ARG A 938 -31.44 -9.10 -1.38
N GLN A 939 -31.83 -9.60 -0.18
CA GLN A 939 -32.81 -8.99 0.73
C GLN A 939 -32.34 -7.71 1.38
N VAL A 940 -31.05 -7.68 1.80
CA VAL A 940 -30.47 -6.50 2.43
C VAL A 940 -30.36 -5.36 1.43
N PHE A 941 -30.03 -5.70 0.18
CA PHE A 941 -29.94 -4.73 -0.90
C PHE A 941 -31.31 -4.08 -1.18
N LYS A 942 -32.36 -4.92 -1.30
CA LYS A 942 -33.76 -4.53 -1.50
C LYS A 942 -34.22 -3.68 -0.28
N SER A 943 -33.85 -4.10 0.96
CA SER A 943 -34.18 -3.40 2.23
C SER A 943 -33.59 -2.00 2.31
N LEU A 944 -32.28 -1.85 2.08
CA LEU A 944 -31.60 -0.57 2.11
C LEU A 944 -32.20 0.44 1.12
N GLN A 945 -32.65 -0.03 -0.06
CA GLN A 945 -33.25 0.84 -1.09
C GLN A 945 -34.64 1.28 -0.67
N GLU A 946 -35.37 0.37 -0.05
CA GLU A 946 -36.72 0.60 0.45
C GLU A 946 -36.71 1.63 1.57
N MET A 947 -35.78 1.51 2.51
CA MET A 947 -35.82 2.39 3.65
C MET A 947 -35.11 3.73 3.57
N PHE A 948 -34.06 3.86 2.76
CA PHE A 948 -33.25 5.08 2.65
C PHE A 948 -33.19 5.67 1.25
N SER A 949 -33.60 6.94 1.11
CA SER A 949 -33.66 7.67 -0.16
C SER A 949 -32.26 7.96 -0.72
N GLY A 950 -31.34 8.39 0.16
CA GLY A 950 -29.94 8.68 -0.17
C GLY A 950 -29.27 7.48 -0.79
N THR A 951 -29.26 6.35 -0.05
CA THR A 951 -28.73 5.07 -0.52
C THR A 951 -29.35 4.72 -1.89
N ARG A 952 -30.68 4.54 -1.95
CA ARG A 952 -31.47 4.22 -3.14
C ARG A 952 -31.10 5.04 -4.40
N ALA A 953 -31.19 6.38 -4.32
CA ALA A 953 -30.92 7.27 -5.45
C ALA A 953 -29.45 7.37 -5.82
N ILE A 954 -28.54 7.49 -4.83
CA ILE A 954 -27.12 7.58 -5.13
C ILE A 954 -26.56 6.24 -5.68
N GLN A 955 -26.94 5.06 -5.05
CA GLN A 955 -26.52 3.72 -5.51
CA GLN A 955 -26.47 3.77 -5.56
C GLN A 955 -26.99 3.54 -6.97
N HIS A 956 -28.26 3.88 -7.25
CA HIS A 956 -28.83 3.75 -8.60
C HIS A 956 -28.17 4.66 -9.64
N TRP A 957 -27.87 5.92 -9.27
CA TRP A 957 -27.22 6.89 -10.16
C TRP A 957 -25.77 6.49 -10.49
N LEU A 958 -25.00 6.09 -9.48
CA LEU A 958 -23.61 5.67 -9.65
C LEU A 958 -23.53 4.39 -10.52
N THR A 959 -24.38 3.40 -10.24
CA THR A 959 -24.47 2.14 -11.00
C THR A 959 -24.77 2.39 -12.48
N GLU A 960 -25.77 3.27 -12.78
CA GLU A 960 -26.16 3.62 -14.14
C GLU A 960 -25.10 4.37 -14.92
N SER A 961 -24.50 5.41 -14.30
CA SER A 961 -23.42 6.19 -14.87
C SER A 961 -22.26 5.24 -15.24
N ALA A 962 -21.81 4.38 -14.28
CA ALA A 962 -20.76 3.39 -14.49
C ALA A 962 -21.11 2.40 -15.59
N ARG A 963 -22.38 1.92 -15.66
CA ARG A 963 -22.87 1.01 -16.70
C ARG A 963 -22.72 1.65 -18.09
N LEU A 964 -23.09 2.95 -18.20
CA LEU A 964 -22.98 3.69 -19.45
C LEU A 964 -21.54 3.99 -19.84
N ILE A 965 -20.69 4.45 -18.88
CA ILE A 965 -19.26 4.76 -19.12
C ILE A 965 -18.55 3.52 -19.65
N SER A 966 -18.84 2.36 -19.03
CA SER A 966 -18.28 1.07 -19.39
C SER A 966 -18.80 0.56 -20.75
N HIS A 967 -20.13 0.72 -21.06
CA HIS A 967 -20.68 0.26 -22.33
CA HIS A 967 -20.74 0.30 -22.33
C HIS A 967 -20.10 1.02 -23.52
N MET A 968 -19.62 2.26 -23.30
CA MET A 968 -18.96 3.08 -24.31
C MET A 968 -17.49 2.61 -24.49
N GLY A 969 -17.02 1.80 -23.56
CA GLY A 969 -15.68 1.22 -23.60
C GLY A 969 -14.61 1.91 -22.80
N SER A 970 -14.96 2.47 -21.63
CA SER A 970 -13.99 3.11 -20.75
C SER A 970 -14.15 2.64 -19.33
N VAL A 971 -13.04 2.60 -18.60
CA VAL A 971 -13.11 2.26 -17.20
C VAL A 971 -13.47 3.55 -16.44
N VAL A 972 -14.34 3.44 -15.43
CA VAL A 972 -14.79 4.56 -14.59
C VAL A 972 -13.58 5.12 -13.85
N GLU A 973 -13.47 6.46 -13.84
CA GLU A 973 -12.42 7.16 -13.11
C GLU A 973 -12.95 8.47 -12.52
N TRP A 974 -12.44 8.84 -11.34
CA TRP A 974 -12.83 10.08 -10.68
C TRP A 974 -11.69 10.66 -9.90
N VAL A 975 -11.96 11.75 -9.15
CA VAL A 975 -10.99 12.43 -8.27
C VAL A 975 -11.68 12.62 -6.91
N THR A 976 -11.04 12.22 -5.83
CA THR A 976 -11.64 12.38 -4.49
C THR A 976 -11.74 13.86 -4.13
N PRO A 977 -12.55 14.23 -3.11
CA PRO A 977 -12.60 15.65 -2.72
C PRO A 977 -11.26 16.15 -2.21
N LEU A 978 -10.28 15.24 -2.00
CA LEU A 978 -8.93 15.62 -1.54
C LEU A 978 -7.90 15.68 -2.64
N GLY A 979 -8.32 15.53 -3.91
CA GLY A 979 -7.46 15.62 -5.09
C GLY A 979 -6.78 14.34 -5.52
N VAL A 980 -7.22 13.20 -4.98
CA VAL A 980 -6.62 11.91 -5.31
C VAL A 980 -7.33 11.27 -6.51
N PRO A 981 -6.61 11.07 -7.64
CA PRO A 981 -7.27 10.42 -8.78
C PRO A 981 -7.59 8.95 -8.47
N VAL A 982 -8.79 8.51 -8.83
CA VAL A 982 -9.20 7.11 -8.62
C VAL A 982 -9.61 6.54 -9.97
N ILE A 983 -9.23 5.27 -10.22
CA ILE A 983 -9.57 4.55 -11.44
C ILE A 983 -9.90 3.10 -11.14
N GLN A 984 -11.08 2.63 -11.58
CA GLN A 984 -11.51 1.24 -11.39
C GLN A 984 -10.76 0.42 -12.42
N PRO A 985 -10.01 -0.63 -12.06
CA PRO A 985 -9.20 -1.31 -13.10
C PRO A 985 -9.83 -2.52 -13.81
N TYR A 986 -11.03 -2.91 -13.42
CA TYR A 986 -11.73 -4.10 -13.91
C TYR A 986 -11.86 -4.19 -15.41
N ARG A 987 -11.12 -5.10 -16.01
CA ARG A 987 -11.17 -5.29 -17.43
C ARG A 987 -11.30 -6.74 -17.74
N LEU A 988 -11.65 -7.06 -18.96
CA LEU A 988 -11.81 -8.45 -19.33
C LEU A 988 -10.55 -8.96 -19.96
N ASP A 989 -10.22 -10.19 -19.62
CA ASP A 989 -9.04 -10.83 -20.15
C ASP A 989 -9.33 -11.37 -21.54
N LYS A 1013 -10.35 -4.20 -22.50
CA LYS A 1013 -11.80 -4.12 -22.64
C LYS A 1013 -12.48 -4.08 -21.26
N PRO A 1014 -13.29 -3.04 -20.91
CA PRO A 1014 -13.87 -2.97 -19.56
C PRO A 1014 -14.85 -4.08 -19.15
N ASN A 1015 -14.70 -4.57 -17.91
CA ASN A 1015 -15.61 -5.57 -17.32
C ASN A 1015 -16.80 -4.76 -16.89
N THR A 1016 -17.86 -4.76 -17.71
CA THR A 1016 -19.07 -3.96 -17.46
C THR A 1016 -19.69 -4.25 -16.10
N ARG A 1017 -19.94 -5.53 -15.80
CA ARG A 1017 -20.55 -5.98 -14.55
C ARG A 1017 -19.77 -5.49 -13.32
N LYS A 1018 -18.43 -5.65 -13.31
CA LYS A 1018 -17.59 -5.22 -12.19
C LYS A 1018 -17.46 -3.71 -12.08
N GLN A 1019 -17.45 -2.99 -13.22
CA GLN A 1019 -17.38 -1.53 -13.27
C GLN A 1019 -18.62 -0.91 -12.65
N LYS A 1020 -19.84 -1.39 -13.03
CA LYS A 1020 -21.09 -0.87 -12.48
C LYS A 1020 -21.38 -1.29 -11.04
N ASN A 1021 -21.07 -2.55 -10.68
CA ASN A 1021 -21.31 -3.01 -9.32
C ASN A 1021 -20.32 -2.48 -8.32
N GLY A 1022 -19.12 -2.16 -8.79
CA GLY A 1022 -18.02 -1.66 -7.96
C GLY A 1022 -17.98 -0.16 -7.71
N PHE A 1023 -18.51 0.65 -8.66
CA PHE A 1023 -18.53 2.12 -8.56
C PHE A 1023 -19.13 2.65 -7.24
N PRO A 1024 -20.38 2.27 -6.84
CA PRO A 1024 -20.89 2.72 -5.52
C PRO A 1024 -19.98 2.28 -4.35
N PRO A 1025 -19.63 0.98 -4.14
CA PRO A 1025 -18.67 0.63 -3.06
C PRO A 1025 -17.35 1.36 -3.08
N ASN A 1026 -16.70 1.50 -4.29
CA ASN A 1026 -15.39 2.16 -4.43
C ASN A 1026 -15.46 3.64 -4.19
N PHE A 1027 -16.55 4.28 -4.67
CA PHE A 1027 -16.78 5.69 -4.45
C PHE A 1027 -16.91 5.91 -2.95
N ILE A 1028 -17.66 5.03 -2.25
CA ILE A 1028 -17.82 5.07 -0.80
C ILE A 1028 -16.49 4.85 -0.04
N HIS A 1029 -15.66 3.93 -0.51
CA HIS A 1029 -14.32 3.66 0.02
C HIS A 1029 -13.45 4.91 -0.07
N SER A 1030 -13.58 5.69 -1.16
CA SER A 1030 -12.80 6.91 -1.37
C SER A 1030 -13.22 8.03 -0.43
N LEU A 1031 -14.50 8.07 -0.06
CA LEU A 1031 -15.04 9.04 0.92
C LEU A 1031 -14.62 8.66 2.36
N ASP A 1032 -14.57 7.34 2.68
CA ASP A 1032 -14.04 6.90 3.97
C ASP A 1032 -12.58 7.35 4.05
N SER A 1033 -11.82 7.18 2.93
CA SER A 1033 -10.40 7.55 2.85
C SER A 1033 -10.22 9.03 3.09
N SER A 1034 -10.98 9.84 2.36
CA SER A 1034 -10.99 11.30 2.44
C SER A 1034 -11.23 11.76 3.89
N HIS A 1035 -12.29 11.23 4.54
CA HIS A 1035 -12.64 11.52 5.92
C HIS A 1035 -11.55 11.16 6.90
N MET A 1036 -10.97 9.96 6.77
CA MET A 1036 -9.91 9.52 7.66
C MET A 1036 -8.67 10.40 7.47
N MET A 1037 -8.31 10.69 6.22
CA MET A 1037 -7.17 11.54 5.92
C MET A 1037 -7.31 12.93 6.53
N LEU A 1038 -8.50 13.56 6.43
CA LEU A 1038 -8.80 14.87 7.03
C LEU A 1038 -8.72 14.83 8.57
N THR A 1039 -9.21 13.72 9.18
CA THR A 1039 -9.17 13.52 10.63
C THR A 1039 -7.71 13.38 11.10
N ALA A 1040 -6.92 12.51 10.44
CA ALA A 1040 -5.50 12.31 10.72
C ALA A 1040 -4.75 13.64 10.74
N LEU A 1041 -4.84 14.37 9.62
CA LEU A 1041 -4.19 15.64 9.36
C LEU A 1041 -4.56 16.72 10.35
N HIS A 1042 -5.83 16.77 10.77
CA HIS A 1042 -6.27 17.72 11.77
C HIS A 1042 -5.88 17.37 13.20
N CYS A 1043 -5.91 16.07 13.53
CA CYS A 1043 -5.47 15.53 14.83
C CYS A 1043 -3.96 15.81 15.02
N TYR A 1044 -3.14 15.66 13.95
CA TYR A 1044 -1.69 15.90 14.01
C TYR A 1044 -1.37 17.31 14.48
N ARG A 1045 -2.11 18.30 13.96
CA ARG A 1045 -2.03 19.73 14.31
C ARG A 1045 -2.30 19.94 15.80
N LYS A 1046 -3.22 19.13 16.37
CA LYS A 1046 -3.57 19.17 17.79
C LYS A 1046 -2.65 18.28 18.67
N GLY A 1047 -1.59 17.71 18.07
CA GLY A 1047 -0.61 16.87 18.75
C GLY A 1047 -1.05 15.48 19.14
N LEU A 1048 -2.03 14.87 18.44
CA LEU A 1048 -2.51 13.52 18.75
C LEU A 1048 -1.80 12.42 17.97
N THR A 1049 -1.81 11.20 18.53
CA THR A 1049 -1.36 10.03 17.83
C THR A 1049 -2.65 9.47 17.24
N PHE A 1050 -2.66 9.34 15.93
CA PHE A 1050 -3.82 8.86 15.20
C PHE A 1050 -3.43 7.77 14.22
N VAL A 1051 -4.16 6.67 14.27
CA VAL A 1051 -4.02 5.54 13.36
C VAL A 1051 -5.40 5.11 12.92
N SER A 1052 -5.44 4.56 11.72
CA SER A 1052 -6.64 4.03 11.08
C SER A 1052 -6.44 2.53 10.90
N VAL A 1053 -7.31 1.73 11.50
CA VAL A 1053 -7.26 0.28 11.38
C VAL A 1053 -8.65 -0.16 10.91
N HIS A 1054 -8.78 -0.36 9.59
CA HIS A 1054 -10.00 -0.73 8.86
C HIS A 1054 -11.08 0.36 8.96
N ASP A 1055 -12.26 0.03 9.47
CA ASP A 1055 -13.37 0.99 9.65
C ASP A 1055 -13.03 2.01 10.79
N CYS A 1056 -12.06 1.67 11.69
CA CYS A 1056 -11.73 2.37 12.94
C CYS A 1056 -10.62 3.38 13.01
N TYR A 1057 -10.89 4.41 13.85
CA TYR A 1057 -9.99 5.49 14.22
C TYR A 1057 -9.45 5.15 15.64
N TRP A 1058 -8.11 5.19 15.80
CA TRP A 1058 -7.45 4.86 17.06
C TRP A 1058 -6.63 5.99 17.61
N THR A 1059 -6.73 6.21 18.93
CA THR A 1059 -5.94 7.19 19.68
C THR A 1059 -5.71 6.71 21.10
N HIS A 1060 -4.97 7.50 21.89
CA HIS A 1060 -4.73 7.24 23.30
C HIS A 1060 -6.03 7.55 24.03
N ALA A 1061 -6.30 6.87 25.16
CA ALA A 1061 -7.52 7.11 25.96
C ALA A 1061 -7.64 8.60 26.36
N ALA A 1062 -6.51 9.26 26.62
CA ALA A 1062 -6.38 10.67 26.98
C ALA A 1062 -6.96 11.63 25.92
N ASP A 1063 -6.93 11.23 24.63
CA ASP A 1063 -7.34 12.10 23.53
C ASP A 1063 -8.55 11.65 22.69
N VAL A 1064 -9.48 10.84 23.26
CA VAL A 1064 -10.64 10.35 22.50
C VAL A 1064 -11.58 11.46 22.08
N SER A 1065 -11.99 12.30 23.04
CA SER A 1065 -12.93 13.40 22.80
C SER A 1065 -12.44 14.39 21.73
N VAL A 1066 -11.12 14.69 21.71
CA VAL A 1066 -10.47 15.59 20.74
C VAL A 1066 -10.50 14.93 19.37
N MET A 1067 -10.23 13.62 19.31
CA MET A 1067 -10.30 12.89 18.07
C MET A 1067 -11.74 12.89 17.54
N ASN A 1068 -12.75 12.63 18.43
CA ASN A 1068 -14.16 12.63 18.04
C ASN A 1068 -14.60 14.00 17.52
N GLN A 1069 -14.21 15.08 18.22
CA GLN A 1069 -14.51 16.45 17.85
C GLN A 1069 -14.01 16.72 16.43
N VAL A 1070 -12.73 16.39 16.15
CA VAL A 1070 -12.10 16.55 14.83
C VAL A 1070 -12.84 15.68 13.79
N CYS A 1071 -13.15 14.45 14.16
CA CYS A 1071 -13.88 13.48 13.33
C CYS A 1071 -15.22 14.05 12.80
N ARG A 1072 -16.06 14.60 13.69
CA ARG A 1072 -17.37 15.18 13.41
C ARG A 1072 -17.19 16.41 12.51
N GLU A 1073 -16.29 17.33 12.90
CA GLU A 1073 -15.94 18.54 12.15
C GLU A 1073 -15.52 18.26 10.72
N GLN A 1074 -14.65 17.29 10.53
CA GLN A 1074 -14.16 16.93 9.21
C GLN A 1074 -15.20 16.26 8.33
N PHE A 1075 -16.15 15.52 8.93
CA PHE A 1075 -17.24 14.90 8.16
C PHE A 1075 -18.15 16.00 7.60
N VAL A 1076 -18.48 16.99 8.46
CA VAL A 1076 -19.31 18.13 8.09
C VAL A 1076 -18.61 18.95 6.98
N ARG A 1077 -17.28 19.13 7.11
CA ARG A 1077 -16.48 19.87 6.13
C ARG A 1077 -16.42 19.17 4.78
N LEU A 1078 -16.16 17.85 4.80
CA LEU A 1078 -16.11 17.02 3.60
C LEU A 1078 -17.44 17.12 2.84
N HIS A 1079 -18.55 16.90 3.56
CA HIS A 1079 -19.88 16.87 2.98
C HIS A 1079 -20.51 18.21 2.65
N SER A 1080 -19.90 19.32 3.15
CA SER A 1080 -20.33 20.68 2.87
C SER A 1080 -19.86 21.10 1.48
N GLU A 1081 -18.86 20.38 0.93
CA GLU A 1081 -18.38 20.60 -0.43
C GLU A 1081 -19.41 19.97 -1.39
N PRO A 1082 -19.56 20.50 -2.65
CA PRO A 1082 -20.54 19.88 -3.56
C PRO A 1082 -19.96 18.61 -4.21
N ILE A 1083 -19.85 17.52 -3.39
CA ILE A 1083 -19.30 16.23 -3.80
C ILE A 1083 -19.93 15.67 -5.07
N LEU A 1084 -21.24 15.39 -5.03
CA LEU A 1084 -21.94 14.79 -6.17
C LEU A 1084 -21.93 15.65 -7.45
N GLN A 1085 -22.19 16.98 -7.30
CA GLN A 1085 -22.16 17.95 -8.42
C GLN A 1085 -20.79 17.99 -9.07
N ASP A 1086 -19.70 18.02 -8.26
CA ASP A 1086 -18.33 18.03 -8.75
C ASP A 1086 -17.93 16.73 -9.44
N LEU A 1087 -18.46 15.60 -8.96
CA LEU A 1087 -18.21 14.27 -9.51
C LEU A 1087 -18.90 14.20 -10.88
N SER A 1088 -20.13 14.72 -10.95
CA SER A 1088 -20.93 14.83 -12.17
C SER A 1088 -20.20 15.68 -13.22
N ARG A 1089 -19.76 16.89 -12.79
CA ARG A 1089 -18.99 17.84 -13.60
C ARG A 1089 -17.79 17.13 -14.23
N PHE A 1090 -16.98 16.41 -13.40
CA PHE A 1090 -15.78 15.66 -13.78
C PHE A 1090 -16.09 14.57 -14.82
N LEU A 1091 -17.12 13.77 -14.54
CA LEU A 1091 -17.52 12.64 -15.37
C LEU A 1091 -18.00 13.06 -16.75
N VAL A 1092 -18.70 14.22 -16.83
CA VAL A 1092 -19.20 14.80 -18.10
C VAL A 1092 -18.00 15.23 -18.94
N LYS A 1093 -17.07 16.01 -18.33
CA LYS A 1093 -15.86 16.50 -19.00
C LYS A 1093 -14.97 15.34 -19.48
N ARG A 1094 -14.86 14.29 -18.66
CA ARG A 1094 -14.04 13.11 -18.95
C ARG A 1094 -14.67 12.12 -19.94
N PHE A 1095 -15.95 11.80 -19.80
CA PHE A 1095 -16.56 10.75 -20.63
C PHE A 1095 -17.58 11.17 -21.70
N CYS A 1096 -17.95 12.45 -21.76
CA CYS A 1096 -18.96 12.90 -22.71
C CYS A 1096 -18.50 13.61 -23.99
N SER A 1097 -17.20 13.63 -24.26
CA SER A 1097 -16.68 14.20 -25.50
C SER A 1097 -16.23 13.01 -26.39
N GLU A 1098 -17.20 12.27 -26.97
CA GLU A 1098 -16.93 11.09 -27.80
C GLU A 1098 -17.60 11.16 -29.18
N PRO A 1099 -16.88 11.71 -30.19
CA PRO A 1099 -17.47 11.87 -31.53
C PRO A 1099 -17.71 10.62 -32.41
N GLN A 1100 -17.33 9.43 -31.90
CA GLN A 1100 -17.55 8.13 -32.57
C GLN A 1100 -18.76 7.42 -31.94
N LYS A 1101 -19.16 7.88 -30.73
CA LYS A 1101 -20.26 7.38 -29.93
C LYS A 1101 -21.13 8.56 -29.41
N ILE A 1102 -21.36 9.57 -30.29
CA ILE A 1102 -22.07 10.85 -30.05
C ILE A 1102 -23.42 10.77 -29.35
N LEU A 1103 -24.22 9.73 -29.68
CA LEU A 1103 -25.54 9.53 -29.10
C LEU A 1103 -25.43 8.96 -27.70
N GLU A 1104 -24.54 7.94 -27.52
CA GLU A 1104 -24.27 7.30 -26.24
C GLU A 1104 -23.66 8.31 -25.26
N ALA A 1105 -22.83 9.24 -25.77
CA ALA A 1105 -22.19 10.30 -24.96
C ALA A 1105 -23.25 11.29 -24.48
N SER A 1106 -24.24 11.59 -25.35
CA SER A 1106 -25.35 12.48 -25.06
C SER A 1106 -26.28 11.86 -24.01
N GLN A 1107 -26.58 10.56 -24.19
CA GLN A 1107 -27.42 9.75 -23.28
C GLN A 1107 -26.75 9.66 -21.88
N LEU A 1108 -25.40 9.53 -21.85
CA LEU A 1108 -24.58 9.47 -20.64
C LEU A 1108 -24.59 10.82 -19.93
N LYS A 1109 -24.43 11.93 -20.69
CA LYS A 1109 -24.47 13.31 -20.19
C LYS A 1109 -25.84 13.58 -19.51
N GLU A 1110 -26.91 13.00 -20.08
CA GLU A 1110 -28.29 13.08 -19.60
C GLU A 1110 -28.40 12.48 -18.18
N THR A 1111 -27.85 11.26 -18.00
CA THR A 1111 -27.83 10.55 -16.72
C THR A 1111 -26.91 11.27 -15.73
N LEU A 1112 -25.71 11.65 -16.17
CA LEU A 1112 -24.74 12.33 -15.33
C LEU A 1112 -25.25 13.64 -14.76
N GLN A 1113 -25.89 14.49 -15.57
CA GLN A 1113 -26.40 15.78 -15.12
C GLN A 1113 -27.66 15.71 -14.26
N ALA A 1114 -28.29 14.53 -14.18
CA ALA A 1114 -29.45 14.27 -13.32
C ALA A 1114 -28.94 13.79 -11.94
N VAL A 1115 -28.13 14.62 -11.28
CA VAL A 1115 -27.54 14.36 -9.97
C VAL A 1115 -28.65 14.18 -8.94
N PRO A 1116 -28.66 13.10 -8.11
CA PRO A 1116 -29.70 12.99 -7.07
C PRO A 1116 -29.80 14.24 -6.19
N LYS A 1117 -31.05 14.70 -5.98
CA LYS A 1117 -31.36 15.91 -5.23
C LYS A 1117 -31.36 15.66 -3.73
N PRO A 1118 -30.54 16.43 -2.97
CA PRO A 1118 -30.51 16.22 -1.51
C PRO A 1118 -31.77 16.64 -0.77
N GLY A 1119 -31.98 16.01 0.38
CA GLY A 1119 -33.10 16.26 1.29
C GLY A 1119 -32.90 17.46 2.20
N ALA A 1120 -33.70 17.51 3.27
CA ALA A 1120 -33.77 18.63 4.23
C ALA A 1120 -32.75 18.61 5.37
N PHE A 1121 -32.09 17.45 5.61
CA PHE A 1121 -31.14 17.22 6.69
C PHE A 1121 -30.05 18.27 6.89
N ASP A 1122 -30.00 18.88 8.10
CA ASP A 1122 -28.96 19.85 8.41
C ASP A 1122 -27.70 19.12 8.88
N LEU A 1123 -26.66 19.16 8.05
CA LEU A 1123 -25.37 18.52 8.26
C LEU A 1123 -24.63 19.00 9.51
N GLU A 1124 -24.92 20.21 9.98
CA GLU A 1124 -24.29 20.82 11.16
C GLU A 1124 -24.58 20.09 12.47
N GLN A 1125 -25.69 19.31 12.52
CA GLN A 1125 -26.16 18.50 13.65
C GLN A 1125 -25.09 17.47 14.08
N VAL A 1126 -24.34 16.92 13.09
CA VAL A 1126 -23.29 15.89 13.25
C VAL A 1126 -22.27 16.27 14.34
N LYS A 1127 -21.84 17.57 14.39
CA LYS A 1127 -20.89 18.10 15.40
C LYS A 1127 -21.40 17.96 16.83
N ARG A 1128 -22.71 17.80 17.00
CA ARG A 1128 -23.37 17.63 18.30
C ARG A 1128 -23.79 16.18 18.60
N SER A 1129 -23.50 15.22 17.68
CA SER A 1129 -23.88 13.81 17.80
C SER A 1129 -22.87 12.93 18.53
N THR A 1130 -23.28 12.43 19.71
CA THR A 1130 -22.44 11.57 20.56
C THR A 1130 -22.10 10.22 19.91
N TYR A 1131 -23.10 9.57 19.29
CA TYR A 1131 -22.98 8.26 18.67
C TYR A 1131 -22.46 8.24 17.24
N PHE A 1132 -22.15 9.42 16.66
CA PHE A 1132 -21.66 9.53 15.29
C PHE A 1132 -20.48 8.59 15.12
N PHE A 1133 -19.46 8.76 15.96
CA PHE A 1133 -18.34 7.82 16.06
C PHE A 1133 -18.27 7.39 17.50
N SER A 1134 -18.39 6.08 17.75
CA SER A 1134 -18.37 5.46 19.09
C SER A 1134 -17.89 4.00 19.05
N UNK B 1 27.61 23.90 -36.24
CA UNK B 1 27.98 22.70 -35.49
C UNK B 1 28.15 21.47 -36.40
N UNK B 2 27.50 21.46 -37.58
CA UNK B 2 27.57 20.38 -38.57
C UNK B 2 28.97 20.26 -39.20
N UNK B 3 29.77 21.34 -39.11
CA UNK B 3 31.14 21.43 -39.64
C UNK B 3 32.11 20.54 -38.84
N UNK B 4 32.44 20.93 -37.57
CA UNK B 4 33.38 20.20 -36.70
C UNK B 4 32.96 18.75 -36.39
N UNK B 5 31.64 18.47 -36.39
CA UNK B 5 31.07 17.14 -36.10
C UNK B 5 31.34 16.13 -37.22
N UNK B 6 31.12 16.53 -38.50
CA UNK B 6 31.34 15.68 -39.67
C UNK B 6 32.81 15.27 -39.90
N UNK B 7 33.76 16.10 -39.40
CA UNK B 7 35.21 15.86 -39.53
C UNK B 7 35.68 14.65 -38.72
N UNK B 8 35.06 14.40 -37.55
CA UNK B 8 35.38 13.27 -36.67
C UNK B 8 34.89 11.94 -37.25
N UNK B 9 33.59 11.84 -37.59
CA UNK B 9 32.98 10.64 -38.15
C UNK B 9 32.98 10.70 -39.68
C1 GOL C . -2.88 -15.11 14.23
O1 GOL C . -2.25 -14.60 13.04
C2 GOL C . -1.98 -14.93 15.51
O2 GOL C . -0.86 -14.05 15.38
C3 GOL C . -1.47 -16.21 16.13
O3 GOL C . -2.61 -16.85 16.61
C1 GOL D . 4.63 -4.29 26.78
O1 GOL D . 5.98 -3.78 26.66
C2 GOL D . 4.34 -4.87 28.16
O2 GOL D . 4.95 -6.16 28.31
C3 GOL D . 2.82 -4.95 28.41
O3 GOL D . 2.23 -3.62 28.35
CL CL E . 6.31 7.16 26.95
CL CL F . 19.36 -7.00 10.59
CL CL G . 19.53 -7.45 16.30
CL CL H . 25.04 -7.08 3.26
CL CL I . -24.80 11.22 31.34
S SO4 J . -21.63 -1.62 16.22
O1 SO4 J . -22.86 -1.05 16.70
O2 SO4 J . -20.54 -1.06 17.01
O3 SO4 J . -21.64 -3.06 16.26
O4 SO4 J . -21.47 -1.29 14.86
#